data_8QQB
#
_entry.id   8QQB
#
_cell.length_a   128.242
_cell.length_b   128.242
_cell.length_c   124.547
_cell.angle_alpha   90.000
_cell.angle_beta   90.000
_cell.angle_gamma   90.000
#
_symmetry.space_group_name_H-M   'P 43 21 2'
#
loop_
_entity.id
_entity.type
_entity.pdbx_description
1 polymer 'Casein kinase II subunit alpha'
2 non-polymer 1,2-ETHANEDIOL
3 non-polymer (4~{Z})-7,9-bis(bromanyl)-8-oxidanyl-4-(phenylazanylmethylidene)-1,2-dihydrodibenzofuran-3-one
4 non-polymer 'SULFATE ION'
5 water water
#
_entity_poly.entity_id   1
_entity_poly.type   'polypeptide(L)'
_entity_poly.pdbx_seq_one_letter_code
;MGSSHHHHHHSQDPMSGPVPSRARVYTDVNTHRPREYWDYESHVVEWGNQDDYQLVRKLGRGKYSEVFEAINITNNEKVV
VKILKPVKKKKIKREIKILENLRGGPNIITLADIVKDPVSRTPALVFEHVNNTDFKQLYQTLTDYDIRFYMYEILKALDY
CHSMGIMHRDVKPHNVMIDHEHRKLRLIDWGLAEFYHPGQEYNVRVASRYFKGPELLVDYQMYDYSLDMWSLGCMLASMI
FRKEPFFHGHDNYDQLVRIAKVLGTEDLYDYIDKYNIELDPRFNDILGRHSRKRWERFVHSENQHLVSPEALDFLDKLLR
YDHQSRLTAREAMEHPYFYTVVKDQARMG
;
_entity_poly.pdbx_strand_id   A,B
#
loop_
_chem_comp.id
_chem_comp.type
_chem_comp.name
_chem_comp.formula
EDO non-polymer 1,2-ETHANEDIOL 'C2 H6 O2'
SO4 non-polymer 'SULFATE ION' 'O4 S -2'
WJE non-polymer (4~{Z})-7,9-bis(bromanyl)-8-oxidanyl-4-(phenylazanylmethylidene)-1,2-dihydrodibenzofuran-3-one 'C19 H13 Br2 N O3'
#
# COMPACT_ATOMS: atom_id res chain seq x y z
N SER A 16 41.28 -8.83 8.05
CA SER A 16 41.01 -8.54 6.64
C SER A 16 39.53 -8.28 6.40
N GLY A 17 38.69 -8.92 7.22
CA GLY A 17 37.26 -8.79 7.09
C GLY A 17 36.64 -9.94 6.31
N PRO A 18 35.32 -10.04 6.35
CA PRO A 18 34.65 -11.14 5.64
C PRO A 18 34.66 -10.93 4.13
N VAL A 19 34.66 -12.04 3.41
CA VAL A 19 34.64 -11.99 1.95
C VAL A 19 33.22 -11.67 1.48
N PRO A 20 33.04 -10.69 0.59
CA PRO A 20 31.70 -10.35 0.13
C PRO A 20 31.08 -11.47 -0.70
N SER A 21 29.77 -11.36 -0.89
CA SER A 21 29.01 -12.38 -1.62
C SER A 21 27.85 -11.71 -2.35
N ARG A 22 27.49 -12.29 -3.50
CA ARG A 22 26.36 -11.84 -4.29
C ARG A 22 25.42 -13.01 -4.53
N ALA A 23 24.15 -12.68 -4.77
CA ALA A 23 23.18 -13.70 -5.15
C ALA A 23 23.52 -14.28 -6.51
N ARG A 24 23.39 -15.60 -6.63
CA ARG A 24 23.69 -16.28 -7.89
C ARG A 24 22.58 -16.12 -8.92
N VAL A 25 21.37 -15.76 -8.49
CA VAL A 25 20.26 -15.42 -9.38
C VAL A 25 19.56 -14.19 -8.84
N TYR A 26 18.91 -13.45 -9.75
CA TYR A 26 18.12 -12.28 -9.39
C TYR A 26 18.94 -11.25 -8.63
N THR A 27 20.19 -11.04 -9.06
CA THR A 27 21.10 -10.19 -8.31
C THR A 27 20.71 -8.72 -8.40
N ASP A 28 20.51 -8.21 -9.61
CA ASP A 28 20.31 -6.79 -9.83
C ASP A 28 18.88 -6.46 -10.27
N VAL A 29 17.90 -7.25 -9.79
CA VAL A 29 16.52 -7.03 -10.22
C VAL A 29 15.96 -5.76 -9.60
N ASN A 30 16.28 -5.49 -8.34
CA ASN A 30 15.75 -4.31 -7.67
C ASN A 30 16.42 -3.03 -8.17
N THR A 31 17.68 -3.11 -8.58
CA THR A 31 18.37 -1.93 -9.10
C THR A 31 17.70 -1.38 -10.34
N HIS A 32 17.17 -2.26 -11.19
CA HIS A 32 16.51 -1.85 -12.42
C HIS A 32 15.04 -1.51 -12.23
N ARG A 33 14.55 -1.51 -11.01
CA ARG A 33 13.18 -1.11 -10.70
C ARG A 33 13.13 0.38 -10.38
N PRO A 34 11.95 1.00 -10.53
CA PRO A 34 11.80 2.37 -10.03
C PRO A 34 12.06 2.43 -8.54
N ARG A 35 12.56 3.58 -8.08
CA ARG A 35 12.94 3.72 -6.68
C ARG A 35 11.80 3.37 -5.74
N GLU A 36 10.58 3.80 -6.06
CA GLU A 36 9.45 3.58 -5.17
C GLU A 36 9.11 2.10 -5.00
N TYR A 37 9.69 1.22 -5.82
CA TYR A 37 9.42 -0.22 -5.65
C TYR A 37 10.04 -0.74 -4.36
N TRP A 38 11.29 -0.36 -4.08
CA TRP A 38 12.01 -0.86 -2.91
C TRP A 38 12.24 0.19 -1.84
N ASP A 39 12.05 1.47 -2.15
CA ASP A 39 12.18 2.54 -1.15
C ASP A 39 10.86 2.65 -0.38
N TYR A 40 10.64 1.66 0.49
CA TYR A 40 9.37 1.56 1.20
C TYR A 40 9.20 2.64 2.25
N GLU A 41 10.29 3.27 2.71
CA GLU A 41 10.17 4.32 3.71
C GLU A 41 9.36 5.51 3.18
N SER A 42 9.35 5.71 1.86
CA SER A 42 8.60 6.79 1.24
C SER A 42 7.24 6.33 0.72
N HIS A 43 6.74 5.20 1.21
CA HIS A 43 5.46 4.66 0.77
C HIS A 43 4.34 5.29 1.60
N VAL A 44 3.32 5.80 0.91
CA VAL A 44 2.17 6.41 1.57
C VAL A 44 1.06 5.38 1.65
N VAL A 45 0.58 5.12 2.86
CA VAL A 45 -0.45 4.11 3.08
C VAL A 45 -1.82 4.73 2.78
N GLU A 46 -2.60 4.04 1.95
CA GLU A 46 -3.98 4.42 1.66
C GLU A 46 -4.88 3.61 2.58
N TRP A 47 -5.37 4.24 3.64
CA TRP A 47 -6.15 3.55 4.65
C TRP A 47 -7.58 3.32 4.18
N GLY A 48 -8.15 2.19 4.61
CA GLY A 48 -9.53 1.86 4.30
C GLY A 48 -10.44 2.10 5.48
N ASN A 49 -11.68 1.65 5.33
CA ASN A 49 -12.72 1.88 6.34
C ASN A 49 -12.71 0.73 7.34
N GLN A 50 -12.32 1.02 8.58
CA GLN A 50 -12.27 0.00 9.62
C GLN A 50 -13.65 -0.56 9.94
N ASP A 51 -14.71 0.25 9.75
CA ASP A 51 -16.05 -0.19 10.07
C ASP A 51 -16.58 -1.25 9.10
N ASP A 52 -15.84 -1.58 8.06
CA ASP A 52 -16.28 -2.60 7.12
C ASP A 52 -16.01 -4.02 7.61
N TYR A 53 -15.32 -4.17 8.75
CA TYR A 53 -14.92 -5.48 9.26
C TYR A 53 -15.32 -5.59 10.73
N GLN A 54 -15.97 -6.69 11.07
CA GLN A 54 -16.30 -7.03 12.45
C GLN A 54 -15.54 -8.28 12.84
N LEU A 55 -14.80 -8.20 13.94
CA LEU A 55 -13.99 -9.33 14.38
C LEU A 55 -14.87 -10.43 14.96
N VAL A 56 -14.66 -11.65 14.49
CA VAL A 56 -15.44 -12.80 14.95
C VAL A 56 -14.77 -13.50 16.12
N ARG A 57 -13.50 -13.86 15.97
CA ARG A 57 -12.78 -14.59 17.00
C ARG A 57 -11.29 -14.48 16.74
N LYS A 58 -10.50 -14.63 17.81
CA LYS A 58 -9.06 -14.61 17.68
C LYS A 58 -8.55 -15.95 17.17
N LEU A 59 -7.57 -15.89 16.26
CA LEU A 59 -6.99 -17.10 15.69
C LEU A 59 -5.62 -17.44 16.25
N GLY A 60 -4.89 -16.44 16.76
CA GLY A 60 -3.58 -16.70 17.32
C GLY A 60 -2.90 -15.40 17.69
N ARG A 61 -1.77 -15.55 18.38
CA ARG A 61 -0.95 -14.42 18.82
C ARG A 61 0.49 -14.66 18.41
N GLY A 62 1.08 -13.68 17.73
CA GLY A 62 2.50 -13.66 17.46
C GLY A 62 3.21 -12.64 18.33
N LYS A 63 4.52 -12.53 18.11
CA LYS A 63 5.31 -11.53 18.81
C LYS A 63 5.12 -10.13 18.24
N TYR A 64 4.70 -10.02 16.98
CA TYR A 64 4.54 -8.73 16.33
C TYR A 64 3.10 -8.41 15.97
N SER A 65 2.15 -9.30 16.25
CA SER A 65 0.78 -9.07 15.81
C SER A 65 -0.16 -10.05 16.51
N GLU A 66 -1.45 -9.75 16.43
CA GLU A 66 -2.52 -10.66 16.81
C GLU A 66 -3.45 -10.85 15.62
N VAL A 67 -3.84 -12.10 15.38
CA VAL A 67 -4.57 -12.49 14.17
C VAL A 67 -5.99 -12.87 14.55
N PHE A 68 -6.96 -12.26 13.88
CA PHE A 68 -8.38 -12.50 14.13
C PHE A 68 -9.07 -12.91 12.84
N GLU A 69 -10.12 -13.72 12.98
CA GLU A 69 -11.04 -13.96 11.89
C GLU A 69 -12.15 -12.91 11.94
N ALA A 70 -12.42 -12.28 10.81
CA ALA A 70 -13.41 -11.23 10.73
C ALA A 70 -14.32 -11.46 9.53
N ILE A 71 -15.35 -10.62 9.42
CA ILE A 71 -16.30 -10.67 8.32
C ILE A 71 -16.38 -9.30 7.68
N ASN A 72 -16.29 -9.25 6.36
CA ASN A 72 -16.47 -8.01 5.62
C ASN A 72 -17.97 -7.80 5.45
N ILE A 73 -18.54 -6.92 6.28
CA ILE A 73 -19.99 -6.72 6.28
C ILE A 73 -20.51 -6.06 5.02
N THR A 74 -19.61 -5.60 4.14
CA THR A 74 -20.05 -5.10 2.84
C THR A 74 -20.50 -6.22 1.92
N ASN A 75 -19.86 -7.40 2.01
CA ASN A 75 -20.20 -8.51 1.14
C ASN A 75 -20.24 -9.86 1.85
N ASN A 76 -20.23 -9.87 3.19
CA ASN A 76 -20.30 -11.10 3.97
C ASN A 76 -19.20 -12.09 3.62
N GLU A 77 -17.98 -11.57 3.45
CA GLU A 77 -16.81 -12.39 3.12
C GLU A 77 -16.00 -12.66 4.39
N LYS A 78 -15.56 -13.91 4.55
CA LYS A 78 -14.61 -14.22 5.60
C LYS A 78 -13.25 -13.64 5.25
N VAL A 79 -12.69 -12.84 6.16
CA VAL A 79 -11.38 -12.26 6.00
C VAL A 79 -10.57 -12.55 7.26
N VAL A 80 -9.29 -12.16 7.22
CA VAL A 80 -8.39 -12.36 8.34
C VAL A 80 -7.72 -11.02 8.64
N VAL A 81 -7.90 -10.51 9.85
CA VAL A 81 -7.37 -9.22 10.25
C VAL A 81 -6.16 -9.45 11.14
N LYS A 82 -5.00 -8.94 10.71
CA LYS A 82 -3.77 -9.05 11.49
C LYS A 82 -3.48 -7.69 12.12
N ILE A 83 -3.87 -7.54 13.38
CA ILE A 83 -3.62 -6.31 14.13
C ILE A 83 -2.18 -6.30 14.59
N LEU A 84 -1.42 -5.31 14.13
CA LEU A 84 0.03 -5.28 14.36
C LEU A 84 0.34 -4.79 15.77
N LYS A 85 1.22 -5.50 16.46
CA LYS A 85 1.72 -5.00 17.73
C LYS A 85 2.65 -3.81 17.47
N PRO A 86 2.73 -2.88 18.42
CA PRO A 86 3.52 -1.65 18.19
C PRO A 86 4.96 -1.95 17.83
N VAL A 87 5.34 -1.53 16.62
CA VAL A 87 6.70 -1.68 16.11
C VAL A 87 7.02 -0.45 15.26
N LYS A 88 8.30 -0.31 14.92
CA LYS A 88 8.74 0.84 14.14
C LYS A 88 7.98 0.91 12.81
N LYS A 89 7.49 2.10 12.48
CA LYS A 89 6.69 2.29 11.27
C LYS A 89 7.44 1.90 10.01
N LYS A 90 8.78 1.93 10.06
CA LYS A 90 9.57 1.47 8.92
C LYS A 90 9.32 0.00 8.62
N LYS A 91 9.21 -0.82 9.68
CA LYS A 91 8.95 -2.24 9.47
C LYS A 91 7.52 -2.47 9.01
N ILE A 92 6.60 -1.59 9.39
CA ILE A 92 5.21 -1.70 8.94
C ILE A 92 5.10 -1.34 7.46
N LYS A 93 5.73 -0.23 7.05
CA LYS A 93 5.75 0.14 5.65
C LYS A 93 6.42 -0.92 4.79
N ARG A 94 7.47 -1.55 5.32
CA ARG A 94 8.16 -2.59 4.57
C ARG A 94 7.24 -3.77 4.28
N GLU A 95 6.53 -4.25 5.30
CA GLU A 95 5.62 -5.37 5.10
C GLU A 95 4.49 -5.00 4.16
N ILE A 96 3.97 -3.78 4.28
CA ILE A 96 2.89 -3.35 3.40
C ILE A 96 3.37 -3.26 1.96
N LYS A 97 4.55 -2.69 1.74
CA LYS A 97 5.07 -2.53 0.39
C LYS A 97 5.36 -3.88 -0.27
N ILE A 98 5.93 -4.82 0.49
CA ILE A 98 6.25 -6.13 -0.05
C ILE A 98 4.98 -6.89 -0.40
N LEU A 99 3.97 -6.82 0.46
CA LEU A 99 2.71 -7.51 0.18
C LEU A 99 2.05 -6.95 -1.07
N GLU A 100 2.16 -5.64 -1.30
CA GLU A 100 1.57 -5.05 -2.50
C GLU A 100 2.36 -5.42 -3.74
N ASN A 101 3.69 -5.46 -3.64
CA ASN A 101 4.51 -5.84 -4.79
C ASN A 101 4.27 -7.29 -5.19
N LEU A 102 4.06 -8.16 -4.22
CA LEU A 102 3.86 -9.59 -4.47
C LEU A 102 2.42 -9.98 -4.67
N ARG A 103 1.48 -9.03 -4.63
CA ARG A 103 0.07 -9.37 -4.77
C ARG A 103 -0.20 -9.94 -6.16
N GLY A 104 -0.99 -11.02 -6.20
CA GLY A 104 -1.28 -11.72 -7.43
C GLY A 104 -0.31 -12.83 -7.77
N GLY A 105 0.77 -12.99 -7.00
CA GLY A 105 1.75 -14.01 -7.26
C GLY A 105 1.29 -15.38 -6.83
N PRO A 106 1.90 -16.42 -7.40
CA PRO A 106 1.46 -17.80 -7.11
C PRO A 106 1.70 -18.16 -5.65
N ASN A 107 0.64 -18.62 -4.99
CA ASN A 107 0.69 -19.11 -3.61
C ASN A 107 1.15 -18.04 -2.62
N ILE A 108 1.02 -16.77 -2.98
CA ILE A 108 1.33 -15.67 -2.08
C ILE A 108 0.02 -15.18 -1.46
N ILE A 109 0.03 -14.96 -0.14
CA ILE A 109 -1.17 -14.46 0.52
C ILE A 109 -1.53 -13.10 -0.06
N THR A 110 -2.83 -12.83 -0.15
CA THR A 110 -3.34 -11.62 -0.78
C THR A 110 -3.74 -10.62 0.29
N LEU A 111 -3.15 -9.42 0.23
CA LEU A 111 -3.53 -8.33 1.12
C LEU A 111 -4.78 -7.65 0.56
N ALA A 112 -5.90 -7.80 1.26
CA ALA A 112 -7.16 -7.27 0.76
C ALA A 112 -7.32 -5.79 1.07
N ASP A 113 -6.91 -5.35 2.25
CA ASP A 113 -7.12 -3.97 2.66
C ASP A 113 -6.22 -3.64 3.83
N ILE A 114 -6.07 -2.34 4.10
CA ILE A 114 -5.31 -1.84 5.24
C ILE A 114 -6.18 -0.83 5.97
N VAL A 115 -6.38 -1.06 7.26
CA VAL A 115 -7.23 -0.23 8.11
C VAL A 115 -6.49 0.05 9.41
N LYS A 116 -6.98 1.07 10.13
CA LYS A 116 -6.43 1.43 11.43
C LYS A 116 -7.43 1.00 12.52
N ASP A 117 -6.94 0.19 13.46
CA ASP A 117 -7.78 -0.39 14.49
C ASP A 117 -8.26 0.66 15.49
N PRO A 118 -9.53 0.57 15.95
CA PRO A 118 -10.00 1.55 16.95
C PRO A 118 -9.25 1.51 18.27
N VAL A 119 -8.98 0.31 18.82
CA VAL A 119 -8.38 0.22 20.14
C VAL A 119 -6.88 0.43 20.07
N SER A 120 -6.20 -0.39 19.26
CA SER A 120 -4.75 -0.33 19.19
C SER A 120 -4.25 0.93 18.50
N ARG A 121 -5.10 1.60 17.70
CA ARG A 121 -4.68 2.77 16.91
C ARG A 121 -3.50 2.43 16.02
N THR A 122 -3.47 1.18 15.60
CA THR A 122 -2.39 0.52 14.90
C THR A 122 -2.86 0.01 13.54
N PRO A 123 -1.96 -0.05 12.56
CA PRO A 123 -2.29 -0.69 11.29
C PRO A 123 -2.78 -2.10 11.51
N ALA A 124 -3.79 -2.50 10.75
CA ALA A 124 -4.35 -3.84 10.79
C ALA A 124 -4.52 -4.30 9.36
N LEU A 125 -3.73 -5.28 8.96
CA LEU A 125 -3.78 -5.79 7.60
C LEU A 125 -4.91 -6.81 7.48
N VAL A 126 -5.65 -6.71 6.38
CA VAL A 126 -6.78 -7.59 6.11
C VAL A 126 -6.37 -8.51 4.96
N PHE A 127 -6.52 -9.81 5.16
CA PHE A 127 -6.10 -10.80 4.18
C PHE A 127 -7.28 -11.67 3.78
N GLU A 128 -7.13 -12.32 2.63
CA GLU A 128 -8.05 -13.38 2.24
C GLU A 128 -8.01 -14.48 3.29
N HIS A 129 -9.15 -15.14 3.49
CA HIS A 129 -9.21 -16.23 4.45
C HIS A 129 -8.74 -17.53 3.83
N VAL A 130 -8.02 -18.33 4.62
CA VAL A 130 -7.58 -19.65 4.23
C VAL A 130 -7.93 -20.62 5.35
N ASN A 131 -8.81 -21.59 5.05
CA ASN A 131 -9.21 -22.56 6.05
C ASN A 131 -8.05 -23.51 6.33
N ASN A 132 -7.19 -23.13 7.27
CA ASN A 132 -5.94 -23.84 7.49
C ASN A 132 -6.14 -25.11 8.29
N THR A 133 -5.40 -26.15 7.93
CA THR A 133 -5.27 -27.36 8.73
C THR A 133 -3.96 -27.28 9.50
N ASP A 134 -4.04 -27.47 10.81
CA ASP A 134 -2.86 -27.37 11.67
C ASP A 134 -1.78 -28.34 11.24
N PHE A 135 -0.56 -27.81 11.06
CA PHE A 135 0.55 -28.66 10.64
C PHE A 135 0.95 -29.68 11.70
N LYS A 136 0.63 -29.42 12.98
CA LYS A 136 0.87 -30.43 14.00
C LYS A 136 -0.06 -31.62 13.84
N GLN A 137 -1.16 -31.45 13.11
CA GLN A 137 -2.09 -32.53 12.78
C GLN A 137 -1.99 -32.98 11.33
N LEU A 138 -1.57 -32.08 10.43
CA LEU A 138 -1.51 -32.40 9.01
C LEU A 138 -0.29 -33.21 8.64
N TYR A 139 0.89 -32.80 9.13
CA TYR A 139 2.14 -33.44 8.70
C TYR A 139 2.17 -34.93 9.02
N GLN A 140 1.57 -35.35 10.14
CA GLN A 140 1.54 -36.76 10.47
C GLN A 140 0.63 -37.57 9.55
N THR A 141 -0.19 -36.91 8.73
CA THR A 141 -1.08 -37.58 7.79
C THR A 141 -0.68 -37.39 6.34
N LEU A 142 0.47 -36.75 6.08
CA LEU A 142 0.89 -36.48 4.71
C LEU A 142 1.50 -37.72 4.08
N THR A 143 1.10 -38.00 2.84
CA THR A 143 1.68 -39.09 2.08
C THR A 143 2.94 -38.60 1.36
N ASP A 144 3.60 -39.52 0.65
CA ASP A 144 4.78 -39.14 -0.12
C ASP A 144 4.42 -38.14 -1.21
N TYR A 145 3.29 -38.34 -1.88
CA TYR A 145 2.89 -37.43 -2.95
C TYR A 145 2.43 -36.08 -2.40
N ASP A 146 1.78 -36.08 -1.22
CA ASP A 146 1.35 -34.82 -0.63
C ASP A 146 2.53 -33.93 -0.30
N ILE A 147 3.64 -34.52 0.16
CA ILE A 147 4.82 -33.73 0.48
C ILE A 147 5.43 -33.14 -0.78
N ARG A 148 5.55 -33.94 -1.83
CA ARG A 148 6.10 -33.43 -3.09
C ARG A 148 5.23 -32.33 -3.67
N PHE A 149 3.91 -32.51 -3.61
CA PHE A 149 3.00 -31.52 -4.17
C PHE A 149 3.12 -30.19 -3.45
N TYR A 150 3.14 -30.21 -2.12
CA TYR A 150 3.18 -28.97 -1.36
C TYR A 150 4.57 -28.34 -1.39
N MET A 151 5.63 -29.15 -1.41
CA MET A 151 6.97 -28.61 -1.61
C MET A 151 7.07 -27.86 -2.93
N TYR A 152 6.41 -28.37 -3.97
CA TYR A 152 6.40 -27.69 -5.26
C TYR A 152 5.59 -26.40 -5.20
N GLU A 153 4.53 -26.37 -4.40
CA GLU A 153 3.73 -25.14 -4.28
C GLU A 153 4.47 -24.07 -3.51
N ILE A 154 5.24 -24.46 -2.47
CA ILE A 154 6.06 -23.50 -1.76
C ILE A 154 7.16 -22.97 -2.67
N LEU A 155 7.73 -23.85 -3.52
CA LEU A 155 8.80 -23.43 -4.42
C LEU A 155 8.30 -22.44 -5.46
N LYS A 156 7.06 -22.58 -5.90
CA LYS A 156 6.49 -21.60 -6.82
C LYS A 156 6.38 -20.23 -6.17
N ALA A 157 6.01 -20.20 -4.88
CA ALA A 157 5.94 -18.92 -4.16
C ALA A 157 7.33 -18.34 -3.92
N LEU A 158 8.29 -19.19 -3.55
CA LEU A 158 9.64 -18.70 -3.28
C LEU A 158 10.31 -18.21 -4.56
N ASP A 159 10.16 -18.94 -5.66
CA ASP A 159 10.75 -18.53 -6.93
C ASP A 159 10.17 -17.20 -7.39
N TYR A 160 8.89 -16.96 -7.15
CA TYR A 160 8.27 -15.70 -7.58
C TYR A 160 8.80 -14.53 -6.78
N CYS A 161 8.79 -14.62 -5.44
CA CYS A 161 9.23 -13.50 -4.63
C CYS A 161 10.72 -13.25 -4.78
N HIS A 162 11.51 -14.30 -5.03
CA HIS A 162 12.93 -14.09 -5.32
C HIS A 162 13.12 -13.38 -6.64
N SER A 163 12.33 -13.74 -7.65
CA SER A 163 12.39 -13.02 -8.93
C SER A 163 11.95 -11.58 -8.77
N MET A 164 11.09 -11.30 -7.79
CA MET A 164 10.68 -9.94 -7.47
C MET A 164 11.68 -9.22 -6.56
N GLY A 165 12.84 -9.82 -6.31
CA GLY A 165 13.86 -9.17 -5.50
C GLY A 165 13.55 -9.14 -4.02
N ILE A 166 12.84 -10.14 -3.52
CA ILE A 166 12.40 -10.18 -2.13
C ILE A 166 12.73 -11.56 -1.55
N MET A 167 13.28 -11.57 -0.35
CA MET A 167 13.51 -12.80 0.39
C MET A 167 12.62 -12.84 1.62
N HIS A 168 12.01 -14.01 1.87
CA HIS A 168 11.00 -14.10 2.92
C HIS A 168 11.64 -14.06 4.31
N ARG A 169 12.74 -14.77 4.50
CA ARG A 169 13.52 -14.76 5.74
C ARG A 169 12.75 -15.30 6.94
N ASP A 170 11.66 -16.04 6.72
CA ASP A 170 10.92 -16.63 7.82
C ASP A 170 10.10 -17.84 7.34
N VAL A 171 10.72 -18.71 6.57
CA VAL A 171 10.05 -19.90 6.07
C VAL A 171 10.00 -20.95 7.18
N LYS A 172 8.81 -21.41 7.51
CA LYS A 172 8.59 -22.44 8.53
C LYS A 172 7.17 -22.96 8.38
N PRO A 173 6.89 -24.17 8.89
CA PRO A 173 5.54 -24.73 8.73
C PRO A 173 4.42 -23.84 9.22
N HIS A 174 4.65 -23.04 10.28
CA HIS A 174 3.60 -22.15 10.77
C HIS A 174 3.27 -21.07 9.76
N ASN A 175 4.21 -20.70 8.90
CA ASN A 175 4.00 -19.65 7.92
C ASN A 175 3.56 -20.20 6.56
N VAL A 176 3.12 -21.45 6.50
CA VAL A 176 2.64 -22.08 5.29
C VAL A 176 1.23 -22.56 5.56
N MET A 177 0.24 -21.75 5.20
CA MET A 177 -1.16 -22.13 5.39
C MET A 177 -1.59 -23.06 4.26
N ILE A 178 -2.24 -24.16 4.63
CA ILE A 178 -2.65 -25.18 3.67
C ILE A 178 -4.12 -25.49 3.89
N ASP A 179 -4.90 -25.39 2.82
CA ASP A 179 -6.28 -25.85 2.79
C ASP A 179 -6.26 -27.21 2.10
N HIS A 180 -6.14 -28.27 2.91
CA HIS A 180 -5.89 -29.60 2.37
C HIS A 180 -7.07 -30.11 1.53
N GLU A 181 -8.30 -29.71 1.88
CA GLU A 181 -9.46 -30.18 1.14
C GLU A 181 -9.40 -29.74 -0.33
N HIS A 182 -8.88 -28.55 -0.58
CA HIS A 182 -8.79 -28.01 -1.93
C HIS A 182 -7.36 -27.98 -2.46
N ARG A 183 -6.42 -28.57 -1.72
CA ARG A 183 -5.01 -28.61 -2.13
C ARG A 183 -4.48 -27.21 -2.43
N LYS A 184 -4.83 -26.25 -1.56
CA LYS A 184 -4.47 -24.86 -1.72
C LYS A 184 -3.43 -24.47 -0.69
N LEU A 185 -2.49 -23.63 -1.09
CA LEU A 185 -1.38 -23.24 -0.23
C LEU A 185 -1.09 -21.76 -0.39
N ARG A 186 -0.82 -21.09 0.73
CA ARG A 186 -0.49 -19.67 0.74
C ARG A 186 0.66 -19.43 1.71
N LEU A 187 1.67 -18.70 1.24
CA LEU A 187 2.81 -18.33 2.08
C LEU A 187 2.49 -17.02 2.79
N ILE A 188 2.58 -17.03 4.12
CA ILE A 188 2.13 -15.89 4.92
C ILE A 188 3.27 -15.32 5.76
N ASP A 189 2.95 -14.35 6.62
CA ASP A 189 3.88 -13.71 7.55
C ASP A 189 5.09 -13.13 6.83
N TRP A 190 4.90 -11.97 6.19
CA TRP A 190 5.98 -11.28 5.49
C TRP A 190 6.54 -10.13 6.31
N GLY A 191 6.44 -10.20 7.64
CA GLY A 191 6.95 -9.14 8.49
C GLY A 191 8.46 -9.09 8.56
N LEU A 192 9.14 -10.20 8.26
CA LEU A 192 10.59 -10.25 8.23
C LEU A 192 11.15 -10.20 6.82
N ALA A 193 10.30 -10.17 5.80
CA ALA A 193 10.77 -10.13 4.43
C ALA A 193 11.50 -8.81 4.16
N GLU A 194 12.44 -8.86 3.21
CA GLU A 194 13.28 -7.71 2.92
C GLU A 194 13.68 -7.75 1.45
N PHE A 195 13.87 -6.58 0.86
CA PHE A 195 14.36 -6.49 -0.50
C PHE A 195 15.84 -6.83 -0.53
N TYR A 196 16.25 -7.60 -1.56
CA TYR A 196 17.65 -7.96 -1.72
C TYR A 196 18.36 -6.90 -2.56
N HIS A 197 19.50 -6.43 -2.05
CA HIS A 197 20.35 -5.49 -2.76
C HIS A 197 21.78 -6.01 -2.72
N PRO A 198 22.48 -6.06 -3.85
CA PRO A 198 23.84 -6.62 -3.86
C PRO A 198 24.77 -5.84 -2.95
N GLY A 199 25.45 -6.57 -2.06
CA GLY A 199 26.40 -5.97 -1.16
C GLY A 199 25.85 -5.52 0.18
N GLN A 200 24.53 -5.51 0.34
CA GLN A 200 23.94 -5.06 1.59
C GLN A 200 24.12 -6.12 2.68
N GLU A 201 24.45 -5.66 3.88
CA GLU A 201 24.59 -6.53 5.04
C GLU A 201 23.30 -6.44 5.87
N TYR A 202 22.70 -7.59 6.14
CA TYR A 202 21.39 -7.67 6.77
C TYR A 202 21.52 -8.12 8.22
N ASN A 203 20.41 -7.98 8.94
CA ASN A 203 20.34 -8.47 10.31
C ASN A 203 20.31 -10.01 10.29
N VAL A 204 21.20 -10.62 11.06
CA VAL A 204 21.26 -12.08 11.13
C VAL A 204 20.24 -12.66 12.08
N ARG A 205 19.58 -11.84 12.90
CA ARG A 205 18.59 -12.32 13.85
C ARG A 205 17.20 -12.27 13.22
N VAL A 206 17.01 -13.15 12.24
CA VAL A 206 15.76 -13.31 11.53
C VAL A 206 15.39 -14.79 11.49
N ALA A 207 14.16 -15.06 11.09
CA ALA A 207 13.61 -16.41 10.99
C ALA A 207 13.55 -17.10 12.34
N SER A 208 12.97 -18.30 12.38
CA SER A 208 12.93 -19.06 13.61
C SER A 208 14.25 -19.78 13.83
N ARG A 209 14.57 -20.07 15.09
CA ARG A 209 15.87 -20.64 15.43
C ARG A 209 16.09 -21.97 14.73
N TYR A 210 15.03 -22.78 14.59
CA TYR A 210 15.17 -24.10 14.00
C TYR A 210 15.44 -24.03 12.50
N PHE A 211 15.08 -22.93 11.87
CA PHE A 211 15.20 -22.75 10.44
C PHE A 211 16.25 -21.71 10.07
N LYS A 212 16.99 -21.20 11.06
CA LYS A 212 18.07 -20.28 10.78
C LYS A 212 19.17 -20.97 9.98
N GLY A 213 19.57 -20.34 8.88
CA GLY A 213 20.67 -20.86 8.08
C GLY A 213 21.98 -20.73 8.82
N PRO A 214 22.97 -21.52 8.41
CA PRO A 214 24.30 -21.39 9.03
C PRO A 214 24.88 -19.99 8.93
N GLU A 215 24.59 -19.26 7.84
CA GLU A 215 25.06 -17.89 7.72
C GLU A 215 24.52 -17.01 8.83
N LEU A 216 23.30 -17.28 9.31
CA LEU A 216 22.77 -16.53 10.44
C LEU A 216 23.42 -16.95 11.74
N LEU A 217 23.80 -18.22 11.87
CA LEU A 217 24.34 -18.72 13.13
C LEU A 217 25.81 -18.33 13.30
N VAL A 218 26.56 -18.19 12.20
CA VAL A 218 27.94 -17.73 12.26
C VAL A 218 28.06 -16.24 12.00
N ASP A 219 26.93 -15.54 11.87
CA ASP A 219 26.89 -14.09 11.69
C ASP A 219 27.65 -13.67 10.42
N TYR A 220 27.12 -14.10 9.28
CA TYR A 220 27.54 -13.61 7.98
C TYR A 220 26.37 -12.81 7.41
N GLN A 221 26.51 -11.48 7.42
CA GLN A 221 25.39 -10.59 7.16
C GLN A 221 25.10 -10.38 5.68
N MET A 222 26.02 -10.76 4.79
CA MET A 222 25.83 -10.52 3.35
C MET A 222 25.23 -11.76 2.68
N TYR A 223 24.06 -12.15 3.18
CA TYR A 223 23.34 -13.30 2.64
C TYR A 223 22.29 -12.84 1.64
N ASP A 224 21.60 -13.81 1.02
CA ASP A 224 20.67 -13.52 -0.06
C ASP A 224 19.46 -14.45 -0.02
N TYR A 225 18.85 -14.69 -1.19
CA TYR A 225 17.66 -15.54 -1.25
C TYR A 225 17.94 -16.97 -0.79
N SER A 226 19.21 -17.41 -0.89
CA SER A 226 19.55 -18.78 -0.53
C SER A 226 19.24 -19.10 0.93
N LEU A 227 19.06 -18.08 1.77
CA LEU A 227 18.63 -18.32 3.15
C LEU A 227 17.29 -19.03 3.19
N ASP A 228 16.35 -18.62 2.32
CA ASP A 228 15.05 -19.26 2.28
C ASP A 228 15.15 -20.73 1.88
N MET A 229 16.13 -21.07 1.06
CA MET A 229 16.27 -22.45 0.60
C MET A 229 16.73 -23.37 1.73
N TRP A 230 17.58 -22.87 2.63
CA TRP A 230 17.96 -23.65 3.79
C TRP A 230 16.74 -23.97 4.66
N SER A 231 15.92 -22.96 4.93
CA SER A 231 14.71 -23.18 5.73
C SER A 231 13.80 -24.21 5.07
N LEU A 232 13.73 -24.21 3.74
CA LEU A 232 12.93 -25.19 3.03
C LEU A 232 13.44 -26.60 3.26
N GLY A 233 14.77 -26.78 3.21
CA GLY A 233 15.34 -28.09 3.50
C GLY A 233 15.02 -28.58 4.90
N CYS A 234 15.00 -27.66 5.87
CA CYS A 234 14.61 -28.03 7.23
C CYS A 234 13.18 -28.53 7.28
N MET A 235 12.27 -27.84 6.57
CA MET A 235 10.89 -28.31 6.48
C MET A 235 10.81 -29.67 5.83
N LEU A 236 11.51 -29.85 4.70
CA LEU A 236 11.48 -31.12 3.99
C LEU A 236 12.00 -32.25 4.87
N ALA A 237 13.09 -31.99 5.60
CA ALA A 237 13.64 -33.01 6.50
C ALA A 237 12.63 -33.41 7.56
N SER A 238 11.90 -32.45 8.11
CA SER A 238 10.91 -32.75 9.14
C SER A 238 9.80 -33.64 8.61
N MET A 239 9.41 -33.45 7.35
CA MET A 239 8.27 -34.16 6.81
C MET A 239 8.61 -35.58 6.38
N ILE A 240 9.79 -35.79 5.78
CA ILE A 240 10.13 -37.13 5.30
C ILE A 240 10.68 -38.00 6.43
N PHE A 241 11.25 -37.40 7.46
CA PHE A 241 11.81 -38.15 8.58
C PHE A 241 10.88 -38.24 9.78
N ARG A 242 9.73 -37.55 9.74
CA ARG A 242 8.77 -37.52 10.84
C ARG A 242 9.43 -37.04 12.14
N LYS A 243 10.14 -35.91 12.04
CA LYS A 243 10.81 -35.30 13.19
C LYS A 243 10.68 -33.79 13.00
N GLU A 244 9.71 -33.19 13.69
CA GLU A 244 9.47 -31.76 13.57
C GLU A 244 9.72 -31.10 14.92
N PRO A 245 10.67 -30.16 15.02
CA PRO A 245 11.65 -29.76 13.99
C PRO A 245 12.80 -30.75 13.87
N PHE A 246 13.49 -30.75 12.73
CA PHE A 246 14.59 -31.70 12.54
C PHE A 246 15.82 -31.31 13.34
N PHE A 247 16.30 -30.08 13.17
CA PHE A 247 17.39 -29.55 14.00
C PHE A 247 16.74 -28.83 15.18
N HIS A 248 16.60 -29.56 16.29
CA HIS A 248 15.87 -29.07 17.46
C HIS A 248 16.88 -28.58 18.49
N GLY A 249 17.30 -27.32 18.32
CA GLY A 249 18.31 -26.72 19.16
C GLY A 249 17.72 -25.86 20.27
N HIS A 250 18.48 -25.72 21.36
CA HIS A 250 18.05 -24.94 22.51
C HIS A 250 18.38 -23.45 22.39
N ASP A 251 19.42 -23.10 21.64
CA ASP A 251 19.80 -21.72 21.42
C ASP A 251 20.51 -21.62 20.08
N ASN A 252 21.02 -20.43 19.77
CA ASN A 252 21.69 -20.22 18.48
C ASN A 252 22.97 -21.03 18.38
N TYR A 253 23.72 -21.14 19.48
CA TYR A 253 24.96 -21.91 19.45
C TYR A 253 24.67 -23.41 19.33
N ASP A 254 23.76 -23.93 20.16
CA ASP A 254 23.42 -25.34 20.09
C ASP A 254 22.74 -25.69 18.76
N GLN A 255 22.11 -24.71 18.11
CA GLN A 255 21.49 -24.98 16.82
C GLN A 255 22.53 -25.37 15.77
N LEU A 256 23.65 -24.65 15.73
CA LEU A 256 24.72 -24.99 14.79
C LEU A 256 25.37 -26.31 15.16
N VAL A 257 25.42 -26.64 16.45
CA VAL A 257 26.01 -27.92 16.87
C VAL A 257 25.13 -29.08 16.42
N ARG A 258 23.81 -28.92 16.51
CA ARG A 258 22.90 -29.96 16.01
C ARG A 258 23.07 -30.14 14.51
N ILE A 259 23.28 -29.04 13.79
CA ILE A 259 23.54 -29.12 12.34
C ILE A 259 24.90 -29.78 12.08
N ALA A 260 25.91 -29.41 12.87
CA ALA A 260 27.25 -29.94 12.66
C ALA A 260 27.32 -31.44 12.92
N LYS A 261 26.46 -31.96 13.80
CA LYS A 261 26.44 -33.40 14.06
C LYS A 261 25.87 -34.20 12.90
N VAL A 262 25.24 -33.54 11.92
CA VAL A 262 24.68 -34.20 10.75
C VAL A 262 25.48 -33.89 9.49
N LEU A 263 25.72 -32.62 9.21
CA LEU A 263 26.46 -32.21 8.03
C LEU A 263 27.97 -32.26 8.22
N GLY A 264 28.45 -32.57 9.41
CA GLY A 264 29.87 -32.64 9.67
C GLY A 264 30.47 -31.26 9.92
N THR A 265 31.65 -31.27 10.52
CA THR A 265 32.37 -30.04 10.83
C THR A 265 33.41 -29.66 9.79
N GLU A 266 33.85 -30.62 8.96
CA GLU A 266 34.84 -30.31 7.94
C GLU A 266 34.30 -29.30 6.93
N ASP A 267 33.06 -29.51 6.47
CA ASP A 267 32.46 -28.55 5.54
C ASP A 267 32.17 -27.23 6.22
N LEU A 268 31.88 -27.25 7.52
CA LEU A 268 31.58 -26.01 8.24
C LEU A 268 32.81 -25.10 8.30
N TYR A 269 33.97 -25.67 8.64
CA TYR A 269 35.18 -24.87 8.71
C TYR A 269 35.66 -24.46 7.32
N ASP A 270 35.38 -25.27 6.30
CA ASP A 270 35.65 -24.84 4.92
C ASP A 270 34.79 -23.65 4.55
N TYR A 271 33.51 -23.68 4.91
CA TYR A 271 32.63 -22.52 4.71
C TYR A 271 33.14 -21.32 5.48
N ILE A 272 33.68 -21.54 6.67
CA ILE A 272 34.20 -20.45 7.49
C ILE A 272 35.49 -19.90 6.89
N ASP A 273 36.34 -20.77 6.36
N ASP A 273 36.34 -20.79 6.36
CA ASP A 273 37.60 -20.33 5.76
CA ASP A 273 37.59 -20.34 5.76
C ASP A 273 37.39 -19.70 4.39
C ASP A 273 37.37 -19.67 4.41
N LYS A 274 36.34 -20.08 3.68
CA LYS A 274 36.10 -19.52 2.35
C LYS A 274 35.69 -18.05 2.43
N TYR A 275 34.80 -17.71 3.36
CA TYR A 275 34.32 -16.35 3.50
C TYR A 275 35.04 -15.57 4.59
N ASN A 276 36.10 -16.15 5.17
CA ASN A 276 36.89 -15.51 6.22
C ASN A 276 36.00 -15.00 7.36
N ILE A 277 35.08 -15.85 7.78
CA ILE A 277 34.21 -15.54 8.90
C ILE A 277 34.96 -15.85 10.19
N GLU A 278 34.95 -14.91 11.13
CA GLU A 278 35.54 -15.16 12.45
C GLU A 278 34.47 -15.75 13.36
N LEU A 279 34.78 -16.90 13.95
CA LEU A 279 33.82 -17.61 14.78
C LEU A 279 33.79 -17.03 16.19
N ASP A 280 32.60 -16.98 16.77
CA ASP A 280 32.47 -16.71 18.18
C ASP A 280 33.27 -17.76 18.94
N PRO A 281 34.21 -17.37 19.81
CA PRO A 281 35.03 -18.37 20.51
C PRO A 281 34.23 -19.38 21.30
N ARG A 282 32.95 -19.10 21.59
CA ARG A 282 32.10 -20.08 22.26
C ARG A 282 31.90 -21.33 21.40
N PHE A 283 31.96 -21.18 20.08
CA PHE A 283 31.79 -22.33 19.19
C PHE A 283 32.96 -23.31 19.28
N ASN A 284 34.11 -22.86 19.79
CA ASN A 284 35.28 -23.74 19.84
C ASN A 284 35.03 -24.94 20.74
N ASP A 285 34.55 -24.70 21.96
CA ASP A 285 34.40 -25.76 22.95
C ASP A 285 33.14 -26.59 22.77
N ILE A 286 32.32 -26.31 21.76
CA ILE A 286 31.04 -27.02 21.62
C ILE A 286 30.94 -27.68 20.25
N LEU A 287 31.65 -27.14 19.26
CA LEU A 287 31.58 -27.71 17.92
C LEU A 287 32.32 -29.05 17.84
N GLY A 288 33.62 -29.03 18.16
CA GLY A 288 34.39 -30.26 18.11
C GLY A 288 34.57 -30.78 16.70
N ARG A 289 34.73 -32.10 16.59
CA ARG A 289 34.90 -32.78 15.32
C ARG A 289 33.75 -33.75 15.12
N HIS A 290 33.07 -33.64 13.98
CA HIS A 290 31.97 -34.52 13.64
C HIS A 290 32.05 -34.89 12.17
N SER A 291 31.76 -36.15 11.87
CA SER A 291 31.75 -36.61 10.49
C SER A 291 30.40 -36.30 9.84
N ARG A 292 30.40 -36.27 8.51
CA ARG A 292 29.18 -36.03 7.74
C ARG A 292 28.36 -37.32 7.72
N LYS A 293 27.20 -37.29 8.37
CA LYS A 293 26.39 -38.50 8.49
C LYS A 293 25.59 -38.74 7.22
N ARG A 294 25.31 -40.02 6.96
CA ARG A 294 24.47 -40.41 5.85
C ARG A 294 23.01 -40.36 6.26
N TRP A 295 22.14 -39.97 5.32
CA TRP A 295 20.73 -39.80 5.64
C TRP A 295 20.04 -41.10 6.00
N GLU A 296 20.64 -42.25 5.66
CA GLU A 296 20.07 -43.53 6.05
C GLU A 296 20.01 -43.70 7.56
N ARG A 297 20.81 -42.92 8.30
CA ARG A 297 20.80 -43.01 9.76
C ARG A 297 19.45 -42.62 10.35
N PHE A 298 18.74 -41.70 9.70
CA PHE A 298 17.47 -41.19 10.20
C PHE A 298 16.27 -41.89 9.58
N VAL A 299 16.49 -42.97 8.83
CA VAL A 299 15.41 -43.72 8.20
C VAL A 299 15.05 -44.90 9.09
N HIS A 300 13.75 -45.09 9.31
CA HIS A 300 13.26 -46.22 10.10
C HIS A 300 11.92 -46.66 9.53
N SER A 301 11.29 -47.62 10.20
CA SER A 301 10.08 -48.25 9.67
C SER A 301 8.89 -47.29 9.63
N GLU A 302 8.89 -46.25 10.47
CA GLU A 302 7.74 -45.34 10.53
C GLU A 302 7.79 -44.24 9.47
N ASN A 303 8.96 -43.93 8.91
CA ASN A 303 9.09 -42.87 7.92
C ASN A 303 9.65 -43.36 6.59
N GLN A 304 9.87 -44.67 6.43
CA GLN A 304 10.51 -45.17 5.22
C GLN A 304 9.66 -44.95 3.97
N HIS A 305 8.33 -44.91 4.12
CA HIS A 305 7.46 -44.70 2.97
C HIS A 305 7.55 -43.27 2.43
N LEU A 306 8.20 -42.36 3.16
CA LEU A 306 8.38 -41.00 2.69
C LEU A 306 9.80 -40.69 2.23
N VAL A 307 10.76 -41.55 2.56
CA VAL A 307 12.16 -41.37 2.16
C VAL A 307 12.42 -42.17 0.90
N SER A 308 13.11 -41.56 -0.05
CA SER A 308 13.43 -42.19 -1.32
C SER A 308 14.74 -41.60 -1.83
N PRO A 309 15.39 -42.26 -2.79
CA PRO A 309 16.61 -41.67 -3.37
C PRO A 309 16.39 -40.27 -3.92
N GLU A 310 15.21 -39.97 -4.48
CA GLU A 310 14.94 -38.62 -4.94
C GLU A 310 14.88 -37.64 -3.78
N ALA A 311 14.18 -38.02 -2.71
CA ALA A 311 14.02 -37.12 -1.56
C ALA A 311 15.37 -36.83 -0.91
N LEU A 312 16.23 -37.83 -0.77
CA LEU A 312 17.52 -37.62 -0.14
C LEU A 312 18.45 -36.79 -1.02
N ASP A 313 18.43 -37.04 -2.33
CA ASP A 313 19.24 -36.24 -3.23
C ASP A 313 18.79 -34.78 -3.23
N PHE A 314 17.47 -34.56 -3.24
CA PHE A 314 16.94 -33.20 -3.22
C PHE A 314 17.24 -32.51 -1.88
N LEU A 315 17.08 -33.25 -0.77
CA LEU A 315 17.37 -32.67 0.54
C LEU A 315 18.85 -32.33 0.67
N ASP A 316 19.73 -33.20 0.17
CA ASP A 316 21.17 -32.96 0.28
C ASP A 316 21.59 -31.71 -0.47
N LYS A 317 20.95 -31.44 -1.60
CA LYS A 317 21.28 -30.26 -2.40
C LYS A 317 20.74 -28.96 -1.81
N LEU A 318 19.88 -29.04 -0.79
CA LEU A 318 19.37 -27.86 -0.10
C LEU A 318 20.16 -27.53 1.16
N LEU A 319 20.47 -28.53 1.98
CA LEU A 319 21.15 -28.32 3.26
C LEU A 319 22.65 -28.27 3.00
N ARG A 320 23.15 -27.08 2.70
CA ARG A 320 24.58 -26.85 2.49
C ARG A 320 25.01 -25.67 3.34
N TYR A 321 26.23 -25.76 3.89
CA TYR A 321 26.80 -24.62 4.61
C TYR A 321 26.97 -23.43 3.68
N ASP A 322 27.64 -23.64 2.55
CA ASP A 322 27.88 -22.58 1.58
C ASP A 322 26.56 -22.18 0.94
N HIS A 323 26.10 -20.96 1.22
CA HIS A 323 24.83 -20.51 0.68
C HIS A 323 24.86 -20.40 -0.84
N GLN A 324 26.05 -20.21 -1.42
CA GLN A 324 26.16 -20.15 -2.88
C GLN A 324 25.91 -21.50 -3.53
N SER A 325 26.15 -22.60 -2.82
CA SER A 325 26.04 -23.94 -3.40
C SER A 325 24.66 -24.56 -3.25
N ARG A 326 23.73 -23.89 -2.56
CA ARG A 326 22.38 -24.42 -2.45
C ARG A 326 21.62 -24.25 -3.77
N LEU A 327 20.63 -25.12 -3.96
CA LEU A 327 19.78 -25.01 -5.15
C LEU A 327 19.00 -23.71 -5.10
N THR A 328 18.81 -23.10 -6.28
CA THR A 328 17.85 -22.03 -6.37
C THR A 328 16.44 -22.61 -6.41
N ALA A 329 15.45 -21.74 -6.19
CA ALA A 329 14.06 -22.21 -6.20
C ALA A 329 13.68 -22.79 -7.56
N ARG A 330 14.19 -22.20 -8.64
CA ARG A 330 13.87 -22.70 -9.97
C ARG A 330 14.60 -24.02 -10.24
N GLU A 331 15.86 -24.12 -9.83
CA GLU A 331 16.59 -25.37 -9.95
C GLU A 331 15.92 -26.49 -9.16
N ALA A 332 15.38 -26.16 -7.98
CA ALA A 332 14.70 -27.15 -7.16
C ALA A 332 13.45 -27.66 -7.85
N MET A 333 12.72 -26.77 -8.53
CA MET A 333 11.50 -27.17 -9.23
C MET A 333 11.77 -28.09 -10.41
N GLU A 334 13.02 -28.17 -10.88
CA GLU A 334 13.39 -29.00 -12.01
C GLU A 334 14.11 -30.28 -11.59
N HIS A 335 13.94 -30.70 -10.33
CA HIS A 335 14.55 -31.89 -9.75
C HIS A 335 13.70 -33.12 -10.03
N PRO A 336 14.31 -34.29 -10.21
CA PRO A 336 13.52 -35.52 -10.43
C PRO A 336 12.56 -35.84 -9.29
N TYR A 337 12.64 -35.14 -8.16
CA TYR A 337 11.74 -35.38 -7.05
C TYR A 337 10.32 -34.94 -7.39
N PHE A 338 10.18 -33.85 -8.14
CA PHE A 338 8.87 -33.30 -8.52
C PHE A 338 8.42 -33.74 -9.91
N TYR A 339 9.03 -34.79 -10.48
CA TYR A 339 8.65 -35.23 -11.81
C TYR A 339 7.19 -35.68 -11.84
N THR A 340 6.78 -36.50 -10.87
CA THR A 340 5.40 -36.95 -10.81
C THR A 340 4.45 -35.79 -10.56
N VAL A 341 4.88 -34.80 -9.77
CA VAL A 341 4.02 -33.64 -9.51
C VAL A 341 3.85 -32.82 -10.78
N VAL A 342 4.92 -32.63 -11.55
CA VAL A 342 4.86 -31.75 -12.71
C VAL A 342 3.97 -32.33 -13.79
N LYS A 343 4.10 -33.64 -14.05
CA LYS A 343 3.28 -34.26 -15.10
C LYS A 343 1.80 -34.22 -14.74
N ASP A 344 1.47 -34.38 -13.46
CA ASP A 344 0.06 -34.27 -13.06
C ASP A 344 -0.43 -32.83 -13.17
N GLN A 345 0.44 -31.86 -12.86
CA GLN A 345 0.08 -30.46 -13.02
C GLN A 345 -0.06 -30.11 -14.50
N SER B 16 1.53 9.66 -33.56
CA SER B 16 0.97 10.99 -33.81
C SER B 16 0.95 11.83 -32.53
N GLY B 17 0.81 11.15 -31.39
CA GLY B 17 0.74 11.83 -30.12
C GLY B 17 -0.68 12.01 -29.64
N PRO B 18 -0.85 12.41 -28.39
CA PRO B 18 -2.21 12.58 -27.86
C PRO B 18 -2.89 13.82 -28.44
N VAL B 19 -4.20 13.75 -28.51
CA VAL B 19 -5.00 14.87 -29.03
C VAL B 19 -5.09 15.94 -27.96
N PRO B 20 -4.81 17.20 -28.28
CA PRO B 20 -4.88 18.27 -27.27
C PRO B 20 -6.32 18.52 -26.84
N SER B 21 -6.44 19.24 -25.73
CA SER B 21 -7.75 19.55 -25.17
C SER B 21 -7.69 20.90 -24.47
N ARG B 22 -8.83 21.59 -24.49
CA ARG B 22 -9.00 22.86 -23.80
C ARG B 22 -10.20 22.75 -22.87
N ALA B 23 -10.19 23.58 -21.82
CA ALA B 23 -11.36 23.68 -20.97
C ALA B 23 -12.51 24.32 -21.75
N ARG B 24 -13.71 23.76 -21.62
CA ARG B 24 -14.84 24.33 -22.32
C ARG B 24 -15.41 25.55 -21.63
N VAL B 25 -15.03 25.81 -20.38
CA VAL B 25 -15.37 27.04 -19.68
C VAL B 25 -14.12 27.57 -19.01
N TYR B 26 -14.08 28.90 -18.83
CA TYR B 26 -12.96 29.58 -18.17
C TYR B 26 -11.63 29.24 -18.83
N THR B 27 -11.63 29.19 -20.16
CA THR B 27 -10.44 28.75 -20.88
C THR B 27 -9.33 29.79 -20.83
N ASP B 28 -9.64 31.04 -21.19
CA ASP B 28 -8.63 32.08 -21.36
C ASP B 28 -8.71 33.15 -20.27
N VAL B 29 -9.10 32.76 -19.05
CA VAL B 29 -9.25 33.74 -17.99
C VAL B 29 -7.89 34.24 -17.51
N ASN B 30 -6.91 33.34 -17.42
CA ASN B 30 -5.59 33.75 -16.95
C ASN B 30 -4.83 34.52 -18.03
N THR B 31 -5.09 34.23 -19.31
CA THR B 31 -4.42 34.96 -20.39
C THR B 31 -4.77 36.44 -20.34
N HIS B 32 -6.00 36.77 -19.97
CA HIS B 32 -6.44 38.16 -19.90
C HIS B 32 -6.08 38.83 -18.57
N ARG B 33 -5.37 38.13 -17.69
CA ARG B 33 -4.91 38.68 -16.43
C ARG B 33 -3.51 39.25 -16.58
N PRO B 34 -3.12 40.19 -15.72
CA PRO B 34 -1.71 40.60 -15.67
C PRO B 34 -0.82 39.42 -15.31
N ARG B 35 0.42 39.47 -15.78
CA ARG B 35 1.34 38.35 -15.59
C ARG B 35 1.46 37.96 -14.12
N GLU B 36 1.58 38.96 -13.24
CA GLU B 36 1.81 38.69 -11.82
C GLU B 36 0.64 37.98 -11.15
N TYR B 37 -0.51 37.86 -11.81
CA TYR B 37 -1.62 37.11 -11.22
C TYR B 37 -1.31 35.63 -11.15
N TRP B 38 -0.76 35.06 -12.23
CA TRP B 38 -0.48 33.63 -12.31
C TRP B 38 0.99 33.29 -12.29
N ASP B 39 1.88 34.26 -12.50
CA ASP B 39 3.32 34.04 -12.47
C ASP B 39 3.79 34.03 -11.01
N TYR B 40 3.46 32.94 -10.32
CA TYR B 40 3.73 32.84 -8.89
C TYR B 40 5.23 32.71 -8.59
N GLU B 41 6.04 32.29 -9.56
CA GLU B 41 7.47 32.18 -9.32
C GLU B 41 8.09 33.54 -9.02
N SER B 42 7.50 34.62 -9.53
CA SER B 42 7.98 35.97 -9.30
C SER B 42 7.22 36.67 -8.17
N HIS B 43 6.55 35.91 -7.32
CA HIS B 43 5.78 36.48 -6.21
C HIS B 43 6.69 36.66 -5.00
N VAL B 44 6.63 37.85 -4.41
CA VAL B 44 7.38 38.17 -3.20
C VAL B 44 6.43 38.02 -2.02
N VAL B 45 6.84 37.21 -1.04
CA VAL B 45 5.98 36.89 0.10
C VAL B 45 5.99 38.05 1.08
N GLU B 46 4.80 38.46 1.54
CA GLU B 46 4.69 39.50 2.56
C GLU B 46 4.65 38.82 3.92
N TRP B 47 5.79 38.79 4.59
CA TRP B 47 5.90 38.12 5.88
C TRP B 47 5.34 39.01 7.00
N GLY B 48 4.72 38.36 7.98
CA GLY B 48 4.22 39.03 9.16
C GLY B 48 5.10 38.76 10.36
N ASN B 49 4.61 39.18 11.52
CA ASN B 49 5.37 39.06 12.76
C ASN B 49 5.05 37.71 13.38
N GLN B 50 6.05 36.83 13.42
CA GLN B 50 5.86 35.49 13.99
C GLN B 50 5.53 35.55 15.48
N ASP B 51 5.97 36.61 16.17
CA ASP B 51 5.72 36.76 17.60
C ASP B 51 4.29 37.11 17.93
N ASP B 52 3.42 37.33 16.93
CA ASP B 52 2.02 37.64 17.19
C ASP B 52 1.17 36.41 17.47
N TYR B 53 1.72 35.20 17.33
CA TYR B 53 0.94 33.97 17.45
C TYR B 53 1.62 33.03 18.42
N GLN B 54 0.86 32.49 19.36
CA GLN B 54 1.32 31.48 20.30
C GLN B 54 0.57 30.18 20.05
N LEU B 55 1.32 29.11 19.83
CA LEU B 55 0.71 27.82 19.52
C LEU B 55 0.06 27.21 20.76
N VAL B 56 -1.18 26.78 20.63
CA VAL B 56 -1.90 26.18 21.75
C VAL B 56 -1.75 24.67 21.76
N ARG B 57 -2.05 24.00 20.65
CA ARG B 57 -1.97 22.55 20.59
C ARG B 57 -1.96 22.11 19.13
N LYS B 58 -1.41 20.93 18.90
CA LYS B 58 -1.37 20.36 17.55
C LYS B 58 -2.72 19.75 17.19
N LEU B 59 -3.15 19.96 15.95
CA LEU B 59 -4.42 19.44 15.46
C LEU B 59 -4.27 18.22 14.55
N GLY B 60 -3.13 18.09 13.87
CA GLY B 60 -2.93 16.95 13.00
C GLY B 60 -1.63 17.08 12.24
N ARG B 61 -1.29 16.00 11.54
CA ARG B 61 -0.07 15.94 10.74
C ARG B 61 -0.41 15.44 9.34
N GLY B 62 0.02 16.20 8.33
CA GLY B 62 -0.03 15.76 6.96
C GLY B 62 1.36 15.42 6.45
N LYS B 63 1.41 15.06 5.16
CA LYS B 63 2.69 14.77 4.53
C LYS B 63 3.46 16.03 4.17
N TYR B 64 2.78 17.17 4.02
CA TYR B 64 3.41 18.42 3.64
C TYR B 64 3.37 19.49 4.71
N SER B 65 2.74 19.23 5.86
CA SER B 65 2.57 20.27 6.86
C SER B 65 2.13 19.66 8.18
N GLU B 66 2.23 20.48 9.23
CA GLU B 66 1.66 20.19 10.54
C GLU B 66 0.73 21.34 10.93
N VAL B 67 -0.43 20.99 11.48
CA VAL B 67 -1.50 21.95 11.73
C VAL B 67 -1.65 22.14 13.22
N PHE B 68 -1.60 23.40 13.66
CA PHE B 68 -1.72 23.75 15.06
C PHE B 68 -2.85 24.75 15.26
N GLU B 69 -3.47 24.70 16.43
CA GLU B 69 -4.37 25.76 16.87
C GLU B 69 -3.54 26.78 17.64
N ALA B 70 -3.68 28.05 17.28
CA ALA B 70 -2.92 29.11 17.92
C ALA B 70 -3.84 30.26 18.29
N ILE B 71 -3.29 31.23 18.99
CA ILE B 71 -4.01 32.44 19.39
C ILE B 71 -3.20 33.64 18.96
N ASN B 72 -3.86 34.59 18.30
CA ASN B 72 -3.23 35.85 17.91
C ASN B 72 -3.25 36.76 19.13
N ILE B 73 -2.10 36.89 19.80
CA ILE B 73 -2.03 37.65 21.04
C ILE B 73 -2.25 39.15 20.84
N THR B 74 -2.32 39.60 19.58
CA THR B 74 -2.67 40.99 19.33
C THR B 74 -4.15 41.26 19.61
N ASN B 75 -5.01 40.27 19.34
CA ASN B 75 -6.44 40.46 19.54
C ASN B 75 -7.13 39.24 20.15
N ASN B 76 -6.38 38.28 20.68
CA ASN B 76 -6.95 37.09 21.32
C ASN B 76 -7.90 36.34 20.39
N GLU B 77 -7.48 36.19 19.13
CA GLU B 77 -8.27 35.48 18.14
C GLU B 77 -7.76 34.05 17.97
N LYS B 78 -8.69 33.11 17.93
CA LYS B 78 -8.35 31.73 17.62
C LYS B 78 -8.00 31.63 16.14
N VAL B 79 -6.80 31.14 15.83
CA VAL B 79 -6.34 30.95 14.47
C VAL B 79 -5.81 29.53 14.31
N VAL B 80 -5.41 29.20 13.09
CA VAL B 80 -4.85 27.89 12.77
C VAL B 80 -3.55 28.12 12.02
N VAL B 81 -2.45 27.59 12.56
CA VAL B 81 -1.12 27.76 11.99
C VAL B 81 -0.72 26.46 11.30
N LYS B 82 -0.46 26.54 10.00
CA LYS B 82 -0.02 25.40 9.21
C LYS B 82 1.48 25.54 8.95
N ILE B 83 2.29 24.86 9.75
CA ILE B 83 3.74 24.90 9.58
C ILE B 83 4.11 23.96 8.43
N LEU B 84 4.72 24.51 7.39
CA LEU B 84 4.99 23.75 6.18
C LEU B 84 6.24 22.89 6.36
N LYS B 85 6.12 21.62 6.00
CA LYS B 85 7.29 20.76 5.94
C LYS B 85 8.16 21.16 4.74
N PRO B 86 9.47 20.90 4.80
CA PRO B 86 10.37 21.35 3.73
C PRO B 86 9.95 20.93 2.34
N VAL B 87 9.66 21.91 1.49
CA VAL B 87 9.31 21.69 0.09
C VAL B 87 9.90 22.83 -0.72
N LYS B 88 9.92 22.65 -2.05
CA LYS B 88 10.51 23.65 -2.93
C LYS B 88 9.77 24.97 -2.79
N LYS B 89 10.53 26.06 -2.62
CA LYS B 89 9.93 27.38 -2.40
C LYS B 89 9.03 27.81 -3.54
N LYS B 90 9.23 27.27 -4.75
CA LYS B 90 8.31 27.55 -5.84
C LYS B 90 6.91 27.07 -5.52
N LYS B 91 6.79 25.90 -4.87
CA LYS B 91 5.49 25.37 -4.50
C LYS B 91 4.86 26.18 -3.36
N ILE B 92 5.68 26.79 -2.50
CA ILE B 92 5.13 27.63 -1.44
C ILE B 92 4.58 28.92 -2.03
N LYS B 93 5.32 29.54 -2.95
CA LYS B 93 4.83 30.74 -3.62
C LYS B 93 3.53 30.46 -4.35
N ARG B 94 3.39 29.27 -4.94
CA ARG B 94 2.17 28.92 -5.65
C ARG B 94 0.98 28.85 -4.71
N GLU B 95 1.15 28.16 -3.57
CA GLU B 95 0.05 28.05 -2.60
C GLU B 95 -0.31 29.41 -2.03
N ILE B 96 0.69 30.23 -1.74
CA ILE B 96 0.43 31.57 -1.20
C ILE B 96 -0.29 32.43 -2.22
N LYS B 97 0.16 32.38 -3.48
CA LYS B 97 -0.44 33.21 -4.52
C LYS B 97 -1.91 32.84 -4.77
N ILE B 98 -2.19 31.53 -4.79
CA ILE B 98 -3.56 31.08 -5.05
C ILE B 98 -4.48 31.47 -3.89
N LEU B 99 -4.01 31.30 -2.66
CA LEU B 99 -4.83 31.67 -1.50
C LEU B 99 -5.14 33.16 -1.48
N GLU B 100 -4.16 33.99 -1.88
CA GLU B 100 -4.39 35.44 -1.88
C GLU B 100 -5.33 35.84 -3.01
N ASN B 101 -5.20 35.19 -4.18
CA ASN B 101 -6.10 35.50 -5.30
C ASN B 101 -7.53 35.11 -4.97
N LEU B 102 -7.71 34.01 -4.24
CA LEU B 102 -9.03 33.49 -3.90
C LEU B 102 -9.56 34.02 -2.57
N ARG B 103 -8.84 34.90 -1.89
CA ARG B 103 -9.28 35.40 -0.60
C ARG B 103 -10.58 36.17 -0.75
N GLY B 104 -11.53 35.91 0.16
CA GLY B 104 -12.83 36.52 0.10
C GLY B 104 -13.86 35.77 -0.71
N GLY B 105 -13.46 34.70 -1.41
CA GLY B 105 -14.37 33.94 -2.23
C GLY B 105 -15.29 33.06 -1.40
N PRO B 106 -16.41 32.67 -1.97
CA PRO B 106 -17.40 31.89 -1.20
C PRO B 106 -16.85 30.53 -0.81
N ASN B 107 -16.93 30.23 0.49
CA ASN B 107 -16.53 28.95 1.07
C ASN B 107 -15.05 28.63 0.84
N ILE B 108 -14.23 29.65 0.60
CA ILE B 108 -12.79 29.49 0.47
C ILE B 108 -12.14 29.86 1.80
N ILE B 109 -11.19 29.03 2.25
CA ILE B 109 -10.49 29.32 3.49
C ILE B 109 -9.73 30.65 3.34
N THR B 110 -9.63 31.39 4.44
CA THR B 110 -9.04 32.72 4.43
C THR B 110 -7.61 32.64 4.98
N LEU B 111 -6.64 33.07 4.18
CA LEU B 111 -5.26 33.17 4.64
C LEU B 111 -5.10 34.46 5.41
N ALA B 112 -4.89 34.35 6.73
CA ALA B 112 -4.83 35.55 7.57
C ALA B 112 -3.45 36.18 7.55
N ASP B 113 -2.40 35.37 7.56
CA ASP B 113 -1.04 35.89 7.66
C ASP B 113 -0.06 34.79 7.26
N ILE B 114 1.17 35.21 6.98
CA ILE B 114 2.27 34.32 6.65
C ILE B 114 3.48 34.73 7.49
N VAL B 115 4.06 33.77 8.23
CA VAL B 115 5.19 34.08 9.10
C VAL B 115 6.29 33.05 8.89
N LYS B 116 7.52 33.49 9.14
CA LYS B 116 8.71 32.64 9.10
C LYS B 116 9.34 32.61 10.49
N ASP B 117 9.66 31.42 10.98
CA ASP B 117 10.30 31.34 12.28
C ASP B 117 11.69 31.96 12.18
N PRO B 118 12.10 32.75 13.17
CA PRO B 118 13.44 33.35 13.11
C PRO B 118 14.55 32.31 13.09
N VAL B 119 14.45 31.29 13.94
CA VAL B 119 15.51 30.30 14.05
C VAL B 119 15.42 29.28 12.92
N SER B 120 14.25 28.63 12.76
CA SER B 120 14.13 27.55 11.79
C SER B 120 14.02 28.05 10.35
N ARG B 121 13.61 29.31 10.16
CA ARG B 121 13.33 29.85 8.83
C ARG B 121 12.31 29.00 8.08
N THR B 122 11.25 28.60 8.79
CA THR B 122 10.29 27.71 8.14
C THR B 122 8.98 28.46 7.95
N PRO B 123 8.36 28.36 6.77
CA PRO B 123 7.07 29.01 6.55
C PRO B 123 5.97 28.47 7.45
N ALA B 124 5.12 29.37 7.92
CA ALA B 124 3.94 29.01 8.70
C ALA B 124 2.76 29.85 8.22
N LEU B 125 1.79 29.21 7.57
CA LEU B 125 0.60 29.90 7.09
C LEU B 125 -0.43 29.98 8.21
N VAL B 126 -1.06 31.15 8.34
CA VAL B 126 -2.06 31.40 9.37
C VAL B 126 -3.42 31.53 8.70
N PHE B 127 -4.40 30.77 9.19
CA PHE B 127 -5.73 30.73 8.63
C PHE B 127 -6.77 31.06 9.69
N GLU B 128 -7.96 31.44 9.22
CA GLU B 128 -9.11 31.54 10.10
C GLU B 128 -9.42 30.18 10.71
N HIS B 129 -9.97 30.19 11.93
CA HIS B 129 -10.31 28.96 12.59
C HIS B 129 -11.69 28.49 12.17
N VAL B 130 -11.84 27.18 11.98
CA VAL B 130 -13.11 26.54 11.67
C VAL B 130 -13.28 25.34 12.58
N ASN B 131 -14.31 25.36 13.41
CA ASN B 131 -14.57 24.25 14.33
C ASN B 131 -15.06 23.04 13.55
N ASN B 132 -14.12 22.22 13.09
CA ASN B 132 -14.45 21.14 12.16
C ASN B 132 -15.06 19.94 12.89
N THR B 133 -16.06 19.34 12.27
CA THR B 133 -16.59 18.05 12.68
C THR B 133 -16.01 16.98 11.77
N ASP B 134 -15.44 15.93 12.36
CA ASP B 134 -14.82 14.87 11.58
C ASP B 134 -15.85 14.24 10.65
N PHE B 135 -15.49 14.14 9.35
CA PHE B 135 -16.43 13.60 8.37
C PHE B 135 -16.71 12.13 8.61
N LYS B 136 -15.79 11.40 9.25
CA LYS B 136 -16.04 10.01 9.61
C LYS B 136 -17.09 9.88 10.70
N GLN B 137 -17.37 10.97 11.43
CA GLN B 137 -18.46 11.02 12.39
C GLN B 137 -19.63 11.87 11.90
N LEU B 138 -19.37 12.85 11.03
CA LEU B 138 -20.42 13.74 10.55
C LEU B 138 -21.24 13.09 9.44
N TYR B 139 -20.56 12.48 8.45
CA TYR B 139 -21.25 11.94 7.29
C TYR B 139 -22.27 10.88 7.68
N GLN B 140 -21.96 10.09 8.71
CA GLN B 140 -22.88 9.06 9.17
C GLN B 140 -24.13 9.63 9.84
N THR B 141 -24.14 10.93 10.14
CA THR B 141 -25.31 11.59 10.71
C THR B 141 -25.98 12.53 9.73
N LEU B 142 -25.51 12.60 8.50
CA LEU B 142 -26.05 13.52 7.51
C LEU B 142 -27.32 12.95 6.89
N THR B 143 -28.34 13.81 6.76
CA THR B 143 -29.58 13.44 6.10
C THR B 143 -29.45 13.68 4.59
N ASP B 144 -30.52 13.38 3.86
CA ASP B 144 -30.51 13.62 2.42
C ASP B 144 -30.36 15.10 2.11
N TYR B 145 -31.04 15.96 2.89
CA TYR B 145 -30.93 17.40 2.64
C TYR B 145 -29.57 17.95 3.05
N ASP B 146 -28.96 17.40 4.10
CA ASP B 146 -27.65 17.86 4.52
C ASP B 146 -26.60 17.62 3.43
N ILE B 147 -26.71 16.50 2.73
CA ILE B 147 -25.76 16.21 1.66
C ILE B 147 -25.95 17.18 0.49
N ARG B 148 -27.20 17.43 0.11
CA ARG B 148 -27.46 18.36 -0.99
C ARG B 148 -26.99 19.76 -0.64
N PHE B 149 -27.22 20.21 0.59
CA PHE B 149 -26.85 21.55 0.99
C PHE B 149 -25.34 21.74 0.93
N TYR B 150 -24.58 20.80 1.47
CA TYR B 150 -23.13 20.94 1.51
C TYR B 150 -22.49 20.71 0.15
N MET B 151 -23.04 19.81 -0.66
CA MET B 151 -22.57 19.67 -2.03
C MET B 151 -22.75 20.97 -2.80
N TYR B 152 -23.83 21.70 -2.54
CA TYR B 152 -24.03 23.00 -3.17
C TYR B 152 -23.00 24.02 -2.68
N GLU B 153 -22.59 23.91 -1.41
CA GLU B 153 -21.58 24.83 -0.88
C GLU B 153 -20.20 24.54 -1.47
N ILE B 154 -19.89 23.26 -1.67
CA ILE B 154 -18.63 22.92 -2.33
C ILE B 154 -18.63 23.41 -3.78
N LEU B 155 -19.77 23.33 -4.45
CA LEU B 155 -19.86 23.78 -5.83
C LEU B 155 -19.68 25.28 -5.96
N LYS B 156 -20.15 26.06 -4.97
CA LYS B 156 -19.91 27.50 -5.00
C LYS B 156 -18.42 27.80 -4.92
N ALA B 157 -17.68 27.05 -4.11
CA ALA B 157 -16.24 27.26 -4.02
C ALA B 157 -15.53 26.84 -5.31
N LEU B 158 -15.95 25.71 -5.88
CA LEU B 158 -15.30 25.23 -7.11
C LEU B 158 -15.59 26.14 -8.29
N ASP B 159 -16.83 26.60 -8.43
CA ASP B 159 -17.16 27.50 -9.54
C ASP B 159 -16.39 28.81 -9.43
N TYR B 160 -16.17 29.29 -8.21
CA TYR B 160 -15.44 30.54 -8.04
C TYR B 160 -13.98 30.39 -8.42
N CYS B 161 -13.31 29.37 -7.88
CA CYS B 161 -11.89 29.21 -8.17
C CYS B 161 -11.65 28.82 -9.63
N HIS B 162 -12.59 28.11 -10.25
CA HIS B 162 -12.46 27.83 -11.68
C HIS B 162 -12.62 29.10 -12.50
N SER B 163 -13.57 29.97 -12.13
CA SER B 163 -13.71 31.25 -12.80
C SER B 163 -12.49 32.12 -12.60
N MET B 164 -11.78 31.95 -11.48
CA MET B 164 -10.53 32.63 -11.23
C MET B 164 -9.33 31.93 -11.87
N GLY B 165 -9.58 30.93 -12.70
CA GLY B 165 -8.50 30.25 -13.41
C GLY B 165 -7.65 29.33 -12.58
N ILE B 166 -8.22 28.70 -11.56
CA ILE B 166 -7.48 27.85 -10.63
C ILE B 166 -8.24 26.55 -10.45
N MET B 167 -7.53 25.43 -10.51
CA MET B 167 -8.09 24.11 -10.22
C MET B 167 -7.47 23.55 -8.95
N HIS B 168 -8.32 23.00 -8.07
CA HIS B 168 -7.87 22.58 -6.75
C HIS B 168 -7.00 21.34 -6.82
N ARG B 169 -7.41 20.35 -7.63
CA ARG B 169 -6.65 19.12 -7.88
C ARG B 169 -6.50 18.23 -6.66
N ASP B 170 -7.30 18.45 -5.61
CA ASP B 170 -7.26 17.59 -4.44
C ASP B 170 -8.55 17.68 -3.64
N VAL B 171 -9.69 17.60 -4.33
CA VAL B 171 -10.99 17.64 -3.67
C VAL B 171 -11.26 16.28 -3.05
N LYS B 172 -11.50 16.26 -1.74
CA LYS B 172 -11.78 15.04 -1.01
C LYS B 172 -12.33 15.43 0.37
N PRO B 173 -13.03 14.51 1.05
CA PRO B 173 -13.63 14.85 2.34
C PRO B 173 -12.66 15.44 3.36
N HIS B 174 -11.39 15.03 3.33
CA HIS B 174 -10.42 15.58 4.28
C HIS B 174 -10.18 17.07 4.04
N ASN B 175 -10.34 17.53 2.81
CA ASN B 175 -10.09 18.93 2.45
C ASN B 175 -11.36 19.78 2.48
N VAL B 176 -12.42 19.30 3.10
CA VAL B 176 -13.68 20.05 3.20
C VAL B 176 -14.03 20.18 4.68
N MET B 177 -13.68 21.31 5.28
CA MET B 177 -13.99 21.58 6.67
C MET B 177 -15.45 22.02 6.79
N ILE B 178 -16.18 21.40 7.73
CA ILE B 178 -17.60 21.69 7.93
C ILE B 178 -17.83 21.97 9.40
N ASP B 179 -18.41 23.13 9.70
CA ASP B 179 -18.90 23.46 11.04
C ASP B 179 -20.41 23.28 11.02
N HIS B 180 -20.86 22.09 11.43
CA HIS B 180 -22.26 21.73 11.27
C HIS B 180 -23.20 22.59 12.12
N GLU B 181 -22.75 23.03 13.29
CA GLU B 181 -23.61 23.84 14.15
C GLU B 181 -24.00 25.15 13.48
N HIS B 182 -23.08 25.73 12.70
CA HIS B 182 -23.32 27.01 12.04
C HIS B 182 -23.53 26.86 10.54
N ARG B 183 -23.65 25.62 10.04
CA ARG B 183 -23.89 25.36 8.62
C ARG B 183 -22.83 26.04 7.75
N LYS B 184 -21.58 25.95 8.18
CA LYS B 184 -20.45 26.61 7.52
C LYS B 184 -19.55 25.57 6.86
N LEU B 185 -19.01 25.91 5.69
CA LEU B 185 -18.15 25.02 4.93
C LEU B 185 -17.01 25.82 4.33
N ARG B 186 -15.80 25.26 4.39
CA ARG B 186 -14.62 25.89 3.84
C ARG B 186 -13.77 24.85 3.12
N LEU B 187 -13.36 25.17 1.89
CA LEU B 187 -12.49 24.30 1.11
C LEU B 187 -11.04 24.65 1.43
N ILE B 188 -10.27 23.66 1.88
CA ILE B 188 -8.92 23.92 2.38
C ILE B 188 -7.88 23.14 1.58
N ASP B 189 -6.62 23.21 2.04
CA ASP B 189 -5.49 22.50 1.46
C ASP B 189 -5.34 22.82 -0.02
N TRP B 190 -4.79 23.99 -0.34
CA TRP B 190 -4.55 24.42 -1.71
C TRP B 190 -3.10 24.21 -2.12
N GLY B 191 -2.41 23.27 -1.50
CA GLY B 191 -1.02 23.02 -1.83
C GLY B 191 -0.80 22.36 -3.18
N LEU B 192 -1.82 21.68 -3.70
CA LEU B 192 -1.74 21.05 -5.02
C LEU B 192 -2.46 21.84 -6.10
N ALA B 193 -3.13 22.94 -5.73
CA ALA B 193 -3.84 23.75 -6.71
C ALA B 193 -2.88 24.39 -7.70
N GLU B 194 -3.38 24.65 -8.90
CA GLU B 194 -2.55 25.19 -9.98
C GLU B 194 -3.41 26.04 -10.90
N PHE B 195 -2.79 27.05 -11.50
CA PHE B 195 -3.47 27.88 -12.49
C PHE B 195 -3.64 27.11 -13.79
N TYR B 196 -4.80 27.25 -14.42
CA TYR B 196 -5.06 26.61 -15.69
C TYR B 196 -4.60 27.49 -16.84
N HIS B 197 -3.84 26.90 -17.77
CA HIS B 197 -3.39 27.60 -18.97
C HIS B 197 -3.69 26.72 -20.17
N PRO B 198 -4.31 27.26 -21.22
CA PRO B 198 -4.67 26.43 -22.38
C PRO B 198 -3.43 25.81 -23.03
N GLY B 199 -3.48 24.49 -23.20
CA GLY B 199 -2.41 23.77 -23.84
C GLY B 199 -1.32 23.27 -22.91
N GLN B 200 -1.32 23.71 -21.65
CA GLN B 200 -0.29 23.29 -20.72
C GLN B 200 -0.53 21.86 -20.26
N GLU B 201 0.56 21.09 -20.17
CA GLU B 201 0.50 19.71 -19.69
C GLU B 201 0.94 19.68 -18.23
N TYR B 202 0.10 19.10 -17.38
CA TYR B 202 0.29 19.13 -15.94
C TYR B 202 0.75 17.78 -15.41
N ASN B 203 1.18 17.78 -14.15
CA ASN B 203 1.56 16.55 -13.48
C ASN B 203 0.33 15.72 -13.18
N VAL B 204 0.38 14.44 -13.60
CA VAL B 204 -0.73 13.53 -13.32
C VAL B 204 -0.65 12.92 -11.93
N ARG B 205 0.47 13.14 -11.22
CA ARG B 205 0.66 12.58 -9.88
C ARG B 205 0.16 13.59 -8.84
N VAL B 206 -1.17 13.79 -8.85
CA VAL B 206 -1.84 14.68 -7.92
C VAL B 206 -3.06 13.96 -7.36
N ALA B 207 -3.62 14.57 -6.31
CA ALA B 207 -4.81 14.06 -5.63
C ALA B 207 -4.59 12.71 -4.97
N SER B 208 -5.57 12.24 -4.22
CA SER B 208 -5.51 10.94 -3.57
C SER B 208 -5.90 9.84 -4.56
N ARG B 209 -5.45 8.62 -4.26
CA ARG B 209 -5.65 7.49 -5.17
C ARG B 209 -7.13 7.26 -5.44
N TYR B 210 -7.97 7.40 -4.42
CA TYR B 210 -9.39 7.10 -4.58
C TYR B 210 -10.10 8.17 -5.39
N PHE B 211 -9.54 9.37 -5.47
CA PHE B 211 -10.18 10.50 -6.14
C PHE B 211 -9.46 10.91 -7.43
N LYS B 212 -8.45 10.16 -7.86
CA LYS B 212 -7.79 10.46 -9.12
C LYS B 212 -8.75 10.26 -10.28
N GLY B 213 -8.84 11.25 -11.16
CA GLY B 213 -9.65 11.14 -12.35
C GLY B 213 -9.05 10.16 -13.33
N PRO B 214 -9.87 9.65 -14.25
CA PRO B 214 -9.34 8.73 -15.28
C PRO B 214 -8.22 9.34 -16.10
N GLU B 215 -8.27 10.65 -16.38
CA GLU B 215 -7.20 11.28 -17.13
C GLU B 215 -5.87 11.20 -16.39
N LEU B 216 -5.89 11.20 -15.05
CA LEU B 216 -4.67 11.04 -14.29
C LEU B 216 -4.17 9.60 -14.32
N LEU B 217 -5.08 8.63 -14.38
CA LEU B 217 -4.69 7.23 -14.32
C LEU B 217 -4.16 6.72 -15.65
N VAL B 218 -4.62 7.28 -16.77
CA VAL B 218 -4.11 6.93 -18.09
C VAL B 218 -3.02 7.87 -18.56
N ASP B 219 -2.61 8.82 -17.71
CA ASP B 219 -1.53 9.76 -18.00
C ASP B 219 -1.86 10.63 -19.22
N TYR B 220 -2.92 11.42 -19.07
CA TYR B 220 -3.27 12.48 -20.02
C TYR B 220 -3.03 13.81 -19.32
N GLN B 221 -1.95 14.50 -19.68
CA GLN B 221 -1.47 15.64 -18.93
C GLN B 221 -2.20 16.95 -19.25
N MET B 222 -2.95 17.01 -20.35
CA MET B 222 -3.60 18.25 -20.75
C MET B 222 -5.05 18.29 -20.24
N TYR B 223 -5.18 18.20 -18.92
CA TYR B 223 -6.48 18.24 -18.27
C TYR B 223 -6.79 19.66 -17.78
N ASP B 224 -7.98 19.83 -17.21
CA ASP B 224 -8.45 21.15 -16.81
C ASP B 224 -9.26 21.10 -15.52
N TYR B 225 -10.17 22.06 -15.34
CA TYR B 225 -10.97 22.13 -14.12
C TYR B 225 -11.84 20.90 -13.94
N SER B 226 -12.19 20.21 -15.03
CA SER B 226 -13.08 19.06 -14.95
C SER B 226 -12.53 17.96 -14.06
N LEU B 227 -11.22 17.95 -13.79
CA LEU B 227 -10.66 16.99 -12.85
C LEU B 227 -11.31 17.13 -11.48
N ASP B 228 -11.53 18.37 -11.02
CA ASP B 228 -12.18 18.59 -9.73
C ASP B 228 -13.60 18.04 -9.73
N MET B 229 -14.27 18.05 -10.87
CA MET B 229 -15.65 17.57 -10.93
C MET B 229 -15.71 16.05 -10.75
N TRP B 230 -14.72 15.33 -11.28
CA TRP B 230 -14.67 13.88 -11.04
C TRP B 230 -14.53 13.58 -9.56
N SER B 231 -13.61 14.28 -8.88
CA SER B 231 -13.43 14.09 -7.44
C SER B 231 -14.72 14.37 -6.68
N LEU B 232 -15.49 15.36 -7.13
CA LEU B 232 -16.77 15.65 -6.47
C LEU B 232 -17.72 14.48 -6.59
N GLY B 233 -17.78 13.85 -7.77
CA GLY B 233 -18.61 12.67 -7.92
C GLY B 233 -18.20 11.54 -7.00
N CYS B 234 -16.88 11.38 -6.78
CA CYS B 234 -16.40 10.38 -5.85
C CYS B 234 -16.89 10.67 -4.43
N MET B 235 -16.83 11.94 -4.02
CA MET B 235 -17.36 12.32 -2.71
C MET B 235 -18.86 12.05 -2.64
N LEU B 236 -19.61 12.49 -3.67
CA LEU B 236 -21.05 12.31 -3.67
C LEU B 236 -21.44 10.84 -3.63
N ALA B 237 -20.74 10.00 -4.39
CA ALA B 237 -21.03 8.57 -4.39
C ALA B 237 -20.83 7.97 -3.01
N SER B 238 -19.74 8.36 -2.33
CA SER B 238 -19.46 7.82 -1.00
C SER B 238 -20.53 8.21 0.00
N MET B 239 -21.08 9.43 -0.13
CA MET B 239 -22.03 9.92 0.87
C MET B 239 -23.42 9.34 0.68
N ILE B 240 -23.87 9.20 -0.58
CA ILE B 240 -25.23 8.70 -0.81
C ILE B 240 -25.26 7.17 -0.74
N PHE B 241 -24.15 6.50 -1.01
CA PHE B 241 -24.09 5.05 -0.99
C PHE B 241 -23.51 4.48 0.30
N ARG B 242 -23.00 5.33 1.19
CA ARG B 242 -22.39 4.89 2.44
C ARG B 242 -21.25 3.92 2.17
N LYS B 243 -20.33 4.33 1.30
CA LYS B 243 -19.21 3.48 0.89
C LYS B 243 -17.95 4.34 0.77
N GLU B 244 -17.09 4.26 1.78
CA GLU B 244 -15.83 5.01 1.81
C GLU B 244 -14.65 4.07 1.80
N PRO B 245 -13.78 4.13 0.78
CA PRO B 245 -13.94 4.91 -0.45
C PRO B 245 -14.84 4.18 -1.45
N PHE B 246 -15.41 4.89 -2.42
CA PHE B 246 -16.29 4.22 -3.38
C PHE B 246 -15.47 3.38 -4.36
N PHE B 247 -14.49 4.01 -5.02
CA PHE B 247 -13.54 3.30 -5.87
C PHE B 247 -12.33 2.97 -5.00
N HIS B 248 -12.34 1.76 -4.44
CA HIS B 248 -11.34 1.33 -3.46
C HIS B 248 -10.28 0.49 -4.17
N GLY B 249 -9.29 1.17 -4.75
CA GLY B 249 -8.23 0.51 -5.49
C GLY B 249 -6.98 0.28 -4.65
N HIS B 250 -6.20 -0.72 -5.06
CA HIS B 250 -4.98 -1.05 -4.35
C HIS B 250 -3.80 -0.19 -4.79
N ASP B 251 -3.81 0.27 -6.04
CA ASP B 251 -2.76 1.12 -6.58
C ASP B 251 -3.38 1.96 -7.70
N ASN B 252 -2.53 2.69 -8.43
CA ASN B 252 -3.02 3.53 -9.51
C ASN B 252 -3.61 2.70 -10.63
N TYR B 253 -3.00 1.55 -10.94
CA TYR B 253 -3.52 0.69 -11.99
C TYR B 253 -4.84 0.04 -11.58
N ASP B 254 -4.87 -0.55 -10.38
CA ASP B 254 -6.10 -1.17 -9.89
C ASP B 254 -7.20 -0.14 -9.67
N GLN B 255 -6.84 1.13 -9.45
CA GLN B 255 -7.85 2.17 -9.30
C GLN B 255 -8.67 2.32 -10.57
N LEU B 256 -8.01 2.32 -11.73
CA LEU B 256 -8.73 2.40 -13.00
C LEU B 256 -9.56 1.14 -13.23
N VAL B 257 -9.09 -0.01 -12.75
CA VAL B 257 -9.86 -1.25 -12.91
C VAL B 257 -11.14 -1.18 -12.09
N ARG B 258 -11.07 -0.65 -10.87
CA ARG B 258 -12.26 -0.49 -10.05
C ARG B 258 -13.26 0.45 -10.72
N ILE B 259 -12.76 1.51 -11.37
CA ILE B 259 -13.64 2.40 -12.10
C ILE B 259 -14.25 1.69 -13.30
N ALA B 260 -13.44 0.89 -14.01
CA ALA B 260 -13.92 0.21 -15.20
C ALA B 260 -14.97 -0.85 -14.86
N LYS B 261 -14.91 -1.41 -13.65
CA LYS B 261 -15.90 -2.40 -13.23
C LYS B 261 -17.26 -1.77 -12.96
N VAL B 262 -17.35 -0.45 -12.88
CA VAL B 262 -18.60 0.26 -12.65
C VAL B 262 -19.07 1.01 -13.90
N LEU B 263 -18.18 1.81 -14.48
CA LEU B 263 -18.52 2.58 -15.67
C LEU B 263 -18.36 1.80 -16.97
N GLY B 264 -17.89 0.56 -16.89
CA GLY B 264 -17.69 -0.24 -18.08
C GLY B 264 -16.40 0.10 -18.80
N THR B 265 -15.98 -0.82 -19.66
CA THR B 265 -14.75 -0.65 -20.43
C THR B 265 -14.99 -0.12 -21.84
N GLU B 266 -16.21 -0.22 -22.35
CA GLU B 266 -16.50 0.28 -23.70
C GLU B 266 -16.29 1.78 -23.78
N ASP B 267 -16.80 2.52 -22.79
CA ASP B 267 -16.60 3.97 -22.77
C ASP B 267 -15.14 4.33 -22.50
N LEU B 268 -14.43 3.49 -21.74
CA LEU B 268 -13.03 3.78 -21.43
C LEU B 268 -12.16 3.74 -22.69
N TYR B 269 -12.34 2.71 -23.52
CA TYR B 269 -11.54 2.62 -24.74
C TYR B 269 -11.96 3.66 -25.77
N ASP B 270 -13.23 4.07 -25.74
CA ASP B 270 -13.66 5.19 -26.58
C ASP B 270 -12.97 6.48 -26.16
N TYR B 271 -12.87 6.71 -24.85
CA TYR B 271 -12.14 7.86 -24.34
C TYR B 271 -10.67 7.80 -24.74
N ILE B 272 -10.09 6.60 -24.75
CA ILE B 272 -8.70 6.43 -25.12
C ILE B 272 -8.50 6.66 -26.61
N ASP B 273 -9.42 6.16 -27.44
N ASP B 273 -9.42 6.16 -27.44
CA ASP B 273 -9.30 6.33 -28.88
CA ASP B 273 -9.30 6.33 -28.88
C ASP B 273 -9.58 7.76 -29.31
C ASP B 273 -9.58 7.76 -29.31
N LYS B 274 -10.43 8.48 -28.57
CA LYS B 274 -10.77 9.85 -28.95
C LYS B 274 -9.58 10.78 -28.80
N TYR B 275 -8.83 10.67 -27.71
CA TYR B 275 -7.69 11.52 -27.45
C TYR B 275 -6.36 10.89 -27.85
N ASN B 276 -6.39 9.74 -28.52
CA ASN B 276 -5.19 9.03 -28.97
C ASN B 276 -4.20 8.84 -27.83
N ILE B 277 -4.73 8.40 -26.69
CA ILE B 277 -3.91 8.10 -25.52
C ILE B 277 -3.33 6.71 -25.69
N GLU B 278 -2.02 6.58 -25.48
CA GLU B 278 -1.39 5.27 -25.47
C GLU B 278 -1.38 4.73 -24.04
N LEU B 279 -1.92 3.53 -23.88
CA LEU B 279 -2.04 2.94 -22.56
C LEU B 279 -0.74 2.26 -22.14
N ASP B 280 -0.43 2.37 -20.86
CA ASP B 280 0.62 1.55 -20.27
C ASP B 280 0.31 0.08 -20.51
N PRO B 281 1.21 -0.70 -21.11
CA PRO B 281 0.90 -2.12 -21.40
C PRO B 281 0.49 -2.92 -20.18
N ARG B 282 0.76 -2.44 -18.97
CA ARG B 282 0.31 -3.13 -17.77
C ARG B 282 -1.21 -3.17 -17.68
N PHE B 283 -1.89 -2.18 -18.26
CA PHE B 283 -3.35 -2.13 -18.23
C PHE B 283 -4.01 -3.23 -19.06
N ASN B 284 -3.27 -3.86 -19.97
CA ASN B 284 -3.87 -4.86 -20.86
C ASN B 284 -4.41 -6.05 -20.07
N ASP B 285 -3.59 -6.64 -19.21
CA ASP B 285 -3.96 -7.87 -18.52
C ASP B 285 -4.87 -7.66 -17.31
N ILE B 286 -5.27 -6.42 -17.01
CA ILE B 286 -6.04 -6.18 -15.79
C ILE B 286 -7.38 -5.51 -16.08
N LEU B 287 -7.47 -4.80 -17.20
CA LEU B 287 -8.71 -4.12 -17.53
C LEU B 287 -9.79 -5.11 -17.98
N GLY B 288 -9.50 -5.86 -19.05
CA GLY B 288 -10.48 -6.82 -19.53
C GLY B 288 -11.71 -6.14 -20.11
N ARG B 289 -12.83 -6.85 -20.07
CA ARG B 289 -14.11 -6.35 -20.55
C ARG B 289 -15.10 -6.31 -19.40
N HIS B 290 -15.72 -5.15 -19.21
CA HIS B 290 -16.73 -4.97 -18.17
C HIS B 290 -17.87 -4.12 -18.70
N SER B 291 -19.09 -4.50 -18.32
CA SER B 291 -20.27 -3.75 -18.71
C SER B 291 -20.49 -2.56 -17.78
N ARG B 292 -21.25 -1.58 -18.28
CA ARG B 292 -21.59 -0.40 -17.49
C ARG B 292 -22.69 -0.77 -16.50
N LYS B 293 -22.35 -0.76 -15.21
CA LYS B 293 -23.29 -1.20 -14.18
C LYS B 293 -24.30 -0.10 -13.86
N ARG B 294 -25.47 -0.52 -13.42
CA ARG B 294 -26.51 0.39 -12.97
C ARG B 294 -26.30 0.75 -11.51
N TRP B 295 -26.62 2.00 -11.17
CA TRP B 295 -26.36 2.51 -9.82
C TRP B 295 -27.21 1.81 -8.75
N GLU B 296 -28.29 1.14 -9.15
CA GLU B 296 -29.11 0.41 -8.18
C GLU B 296 -28.33 -0.71 -7.49
N ARG B 297 -27.21 -1.14 -8.08
CA ARG B 297 -26.41 -2.21 -7.48
C ARG B 297 -25.87 -1.80 -6.11
N PHE B 298 -25.60 -0.52 -5.91
CA PHE B 298 -25.02 -0.02 -4.68
C PHE B 298 -26.07 0.51 -3.70
N VAL B 299 -27.35 0.32 -3.98
CA VAL B 299 -28.43 0.77 -3.12
C VAL B 299 -28.87 -0.38 -2.23
N HIS B 300 -28.99 -0.12 -0.94
CA HIS B 300 -29.46 -1.12 0.03
C HIS B 300 -30.26 -0.39 1.11
N SER B 301 -30.67 -1.14 2.13
CA SER B 301 -31.57 -0.60 3.15
C SER B 301 -30.92 0.49 4.00
N GLU B 302 -29.59 0.51 4.10
CA GLU B 302 -28.91 1.48 4.95
C GLU B 302 -28.70 2.83 4.27
N ASN B 303 -28.73 2.88 2.94
CA ASN B 303 -28.49 4.12 2.21
C ASN B 303 -29.67 4.54 1.32
N GLN B 304 -30.79 3.83 1.39
CA GLN B 304 -31.90 4.13 0.48
C GLN B 304 -32.50 5.50 0.75
N HIS B 305 -32.45 5.99 1.99
CA HIS B 305 -32.98 7.30 2.30
C HIS B 305 -32.15 8.43 1.73
N LEU B 306 -30.95 8.14 1.23
CA LEU B 306 -30.08 9.14 0.62
C LEU B 306 -30.04 9.05 -0.90
N VAL B 307 -30.50 7.94 -1.49
CA VAL B 307 -30.49 7.74 -2.93
C VAL B 307 -31.85 8.14 -3.49
N SER B 308 -31.82 8.86 -4.61
CA SER B 308 -33.03 9.31 -5.28
C SER B 308 -32.75 9.40 -6.77
N PRO B 309 -33.79 9.43 -7.61
CA PRO B 309 -33.55 9.61 -9.05
C PRO B 309 -32.72 10.83 -9.39
N GLU B 310 -32.88 11.93 -8.64
CA GLU B 310 -32.05 13.11 -8.88
C GLU B 310 -30.60 12.84 -8.54
N ALA B 311 -30.34 12.21 -7.39
CA ALA B 311 -28.97 11.96 -6.97
C ALA B 311 -28.23 11.06 -7.96
N LEU B 312 -28.90 10.02 -8.46
CA LEU B 312 -28.25 9.12 -9.42
C LEU B 312 -28.03 9.81 -10.76
N ASP B 313 -29.00 10.60 -11.20
CA ASP B 313 -28.84 11.35 -12.44
C ASP B 313 -27.70 12.36 -12.33
N PHE B 314 -27.61 13.06 -11.20
CA PHE B 314 -26.54 14.03 -11.00
C PHE B 314 -25.18 13.34 -10.90
N LEU B 315 -25.12 12.21 -10.19
CA LEU B 315 -23.87 11.48 -10.07
C LEU B 315 -23.41 10.94 -11.43
N ASP B 316 -24.35 10.45 -12.24
CA ASP B 316 -23.99 9.91 -13.55
C ASP B 316 -23.40 10.98 -14.45
N LYS B 317 -23.90 12.21 -14.35
CA LYS B 317 -23.40 13.30 -15.18
C LYS B 317 -22.06 13.84 -14.71
N LEU B 318 -21.59 13.45 -13.52
CA LEU B 318 -20.27 13.85 -13.03
C LEU B 318 -19.20 12.81 -13.32
N LEU B 319 -19.52 11.53 -13.09
CA LEU B 319 -18.55 10.44 -13.27
C LEU B 319 -18.57 10.01 -14.73
N ARG B 320 -17.77 10.69 -15.53
CA ARG B 320 -17.60 10.36 -16.95
C ARG B 320 -16.11 10.24 -17.24
N TYR B 321 -15.76 9.28 -18.11
CA TYR B 321 -14.37 9.18 -18.54
C TYR B 321 -13.94 10.44 -19.27
N ASP B 322 -14.72 10.86 -20.26
CA ASP B 322 -14.41 12.05 -21.05
C ASP B 322 -14.55 13.28 -20.17
N HIS B 323 -13.42 13.93 -19.87
CA HIS B 323 -13.44 15.09 -18.99
C HIS B 323 -14.22 16.25 -19.60
N GLN B 324 -14.30 16.30 -20.94
CA GLN B 324 -15.08 17.35 -21.59
C GLN B 324 -16.57 17.15 -21.40
N SER B 325 -17.02 15.92 -21.19
CA SER B 325 -18.45 15.64 -21.08
C SER B 325 -18.96 15.74 -19.65
N ARG B 326 -18.09 15.99 -18.68
CA ARG B 326 -18.53 16.16 -17.30
C ARG B 326 -19.20 17.51 -17.11
N LEU B 327 -20.09 17.58 -16.11
CA LEU B 327 -20.73 18.85 -15.79
C LEU B 327 -19.71 19.87 -15.31
N THR B 328 -19.92 21.12 -15.69
CA THR B 328 -19.18 22.20 -15.06
C THR B 328 -19.77 22.49 -13.68
N ALA B 329 -19.03 23.24 -12.88
CA ALA B 329 -19.51 23.57 -11.53
C ALA B 329 -20.82 24.37 -11.60
N ARG B 330 -20.94 25.26 -12.58
CA ARG B 330 -22.17 26.03 -12.72
C ARG B 330 -23.32 25.16 -13.24
N GLU B 331 -23.03 24.29 -14.20
CA GLU B 331 -24.07 23.35 -14.67
C GLU B 331 -24.54 22.46 -13.53
N ALA B 332 -23.63 22.03 -12.67
CA ALA B 332 -23.99 21.18 -11.54
C ALA B 332 -24.91 21.90 -10.56
N MET B 333 -24.65 23.19 -10.33
CA MET B 333 -25.47 23.98 -9.40
C MET B 333 -26.89 24.17 -9.90
N GLU B 334 -27.14 23.95 -11.20
CA GLU B 334 -28.45 24.16 -11.80
C GLU B 334 -29.18 22.84 -12.05
N HIS B 335 -28.80 21.77 -11.35
CA HIS B 335 -29.38 20.44 -11.47
C HIS B 335 -30.61 20.32 -10.57
N PRO B 336 -31.61 19.54 -10.98
CA PRO B 336 -32.80 19.35 -10.13
C PRO B 336 -32.49 18.77 -8.76
N TYR B 337 -31.26 18.32 -8.52
CA TYR B 337 -30.89 17.78 -7.22
C TYR B 337 -30.83 18.89 -6.17
N PHE B 338 -30.40 20.08 -6.57
CA PHE B 338 -30.29 21.23 -5.68
C PHE B 338 -31.47 22.18 -5.77
N TYR B 339 -32.59 21.74 -6.36
CA TYR B 339 -33.76 22.61 -6.48
C TYR B 339 -34.28 23.04 -5.12
N THR B 340 -34.45 22.07 -4.21
CA THR B 340 -34.91 22.40 -2.86
C THR B 340 -33.90 23.26 -2.11
N VAL B 341 -32.61 23.04 -2.36
CA VAL B 341 -31.59 23.84 -1.69
C VAL B 341 -31.64 25.29 -2.16
N VAL B 342 -31.85 25.50 -3.46
CA VAL B 342 -31.78 26.84 -4.02
C VAL B 342 -32.96 27.69 -3.53
N LYS B 343 -34.16 27.13 -3.51
CA LYS B 343 -35.32 27.90 -3.07
C LYS B 343 -35.21 28.30 -1.61
N ASP B 344 -34.62 27.46 -0.77
CA ASP B 344 -34.39 27.81 0.63
C ASP B 344 -33.38 28.95 0.76
N GLN B 345 -32.44 29.06 -0.18
CA GLN B 345 -31.47 30.15 -0.17
C GLN B 345 -32.17 31.48 -0.36
C1 EDO C . 30.52 -38.90 15.46
O1 EDO C . 31.67 -38.53 14.68
C2 EDO C . 29.64 -37.68 15.69
O2 EDO C . 28.63 -37.99 16.64
C10 WJE D . 0.31 -13.78 10.01
C10 WJE D . 0.06 -14.47 10.66
C12 WJE D . 0.23 -13.27 8.71
C12 WJE D . 0.24 -13.77 9.47
C14 WJE D . -0.78 -13.74 7.87
C14 WJE D . -0.66 -13.99 8.42
C16 WJE D . -1.73 -14.69 8.29
C16 WJE D . -1.73 -14.89 8.51
C17 WJE D . -4.50 -17.11 8.55
C17 WJE D . -4.72 -16.98 7.93
C18 WJE D . -4.99 -18.08 9.45
C18 WJE D . -5.42 -18.05 8.51
C20 WJE D . -6.62 -19.96 10.00
C20 WJE D . -5.72 -19.64 10.50
C21 WJE D . -5.93 -20.28 11.19
C21 WJE D . -5.24 -19.94 11.78
C22 WJE D . -6.39 -21.34 11.98
C22 WJE D . -5.88 -20.93 12.54
C23 WJE D . -7.51 -22.07 11.63
C23 WJE D . -6.98 -21.61 12.05
C24 WJE D . -8.19 -21.76 10.45
C24 WJE D . -7.46 -21.32 10.78
C25 WJE D . -7.73 -20.70 9.66
C25 WJE D . -6.81 -20.33 10.02
C02 WJE D . -5.26 -16.96 7.29
C02 WJE D . -5.25 -16.49 6.64
C03 WJE D . -4.99 -15.83 6.33
C03 WJE D . -4.72 -15.24 5.99
C04 WJE D . -3.54 -15.36 6.36
C04 WJE D . -3.25 -15.03 6.28
C05 WJE D . -2.88 -15.39 7.69
C05 WJE D . -2.82 -15.34 7.65
C06 WJE D . -3.38 -16.24 8.70
C06 WJE D . -3.55 -16.28 8.40
C08 WJE D . -1.60 -15.17 9.60
C08 WJE D . -1.87 -15.58 9.74
C09 WJE D . -0.59 -14.73 10.49
C09 WJE D . -0.98 -15.39 10.83
N19 WJE D . -6.11 -18.86 9.20
N19 WJE D . -5.04 -18.61 9.72
O01 WJE D . -6.15 -17.76 6.94
O01 WJE D . -6.16 -17.08 6.02
O07 WJE D . -2.60 -16.10 9.85
O07 WJE D . -2.96 -16.41 9.67
O13 WJE D . 1.12 -12.34 8.27
O13 WJE D . 1.27 -12.88 9.32
BR11 WJE D . 1.73 -13.12 11.19
BR11 WJE D . 1.32 -14.16 12.12
BR15 WJE D . -0.91 -13.06 6.09
BR15 WJE D . -0.41 -13.03 6.77
C1 EDO E . 24.36 -35.50 -4.72
O1 EDO E . 23.68 -34.89 -3.62
C2 EDO E . 25.81 -35.78 -4.33
O2 EDO E . 25.86 -36.68 -3.23
S SO4 F . 14.99 -6.31 10.33
O1 SO4 F . 13.64 -6.70 10.72
O2 SO4 F . 15.96 -6.90 11.27
O3 SO4 F . 15.27 -6.80 8.98
O4 SO4 F . 15.11 -4.86 10.35
S SO4 G . 16.94 -14.81 17.46
O1 SO4 G . 16.53 -16.17 17.82
O2 SO4 G . 16.77 -13.93 18.62
O3 SO4 G . 18.35 -14.83 17.06
O4 SO4 G . 16.13 -14.32 16.36
S SO4 H . 14.19 2.12 2.39
O1 SO4 H . 12.76 2.25 2.16
O2 SO4 H . 14.43 1.59 3.72
O3 SO4 H . 14.82 3.43 2.27
O4 SO4 H . 14.77 1.22 1.40
S SO4 I . 1.33 6.69 9.15
O1 SO4 I . 2.27 5.61 8.93
O2 SO4 I . 0.24 6.24 10.01
O3 SO4 I . 2.03 7.81 9.80
O4 SO4 I . 0.78 7.14 7.87
C1 EDO J . -18.69 -7.73 -14.42
O1 EDO J . -17.47 -7.26 -13.83
C2 EDO J . -18.72 -7.38 -15.89
O2 EDO J . -20.03 -7.63 -16.42
C10 WJE K . -4.52 22.20 5.77
C10 WJE K . -4.73 21.13 6.44
C12 WJE K . -4.91 23.44 5.26
C12 WJE K . -4.76 22.27 5.64
C14 WJE K . -5.84 24.21 5.96
C14 WJE K . -5.54 23.35 6.06
C16 WJE K . -6.41 23.76 7.17
C16 WJE K . -6.29 23.34 7.24
C17 WJE K . -8.35 23.41 10.31
C17 WJE K . -8.51 24.10 10.11
C18 WJE K . -8.66 22.45 11.28
C18 WJE K . -9.12 23.46 11.19
C20 WJE K . -10.00 21.82 13.37
C20 WJE K . -9.38 21.31 12.58
C21 WJE K . -9.43 20.54 13.47
C21 WJE K . -8.79 20.04 12.80
C22 WJE K . -9.90 19.65 14.45
C22 WJE K . -9.22 19.27 13.89
C23 WJE K . -10.90 20.02 15.34
C23 WJE K . -10.22 19.72 14.74
C24 WJE K . -11.45 21.29 15.25
C24 WJE K . -10.81 20.96 14.51
C25 WJE K . -10.99 22.18 14.27
C25 WJE K . -10.38 21.74 13.43
C02 WJE K . -8.97 24.75 10.51
C02 WJE K . -8.81 25.54 9.95
C03 WJE K . -8.61 25.94 9.65
C03 WJE K . -8.08 26.41 8.96
C04 WJE K . -8.19 25.53 8.25
C04 WJE K . -7.68 25.62 7.71
C05 WJE K . -7.38 24.29 8.14
C05 WJE K . -7.19 24.25 7.95
C06 WJE K . -7.49 23.31 9.16
C06 WJE K . -7.61 23.57 9.10
C08 WJE K . -5.99 22.51 7.65
C08 WJE K . -6.23 22.15 8.01
C09 WJE K . -5.04 21.71 6.97
C09 WJE K . -5.46 21.03 7.62
N19 WJE K . -9.50 22.72 12.34
N19 WJE K . -8.92 22.11 11.44
O01 WJE K . -9.82 24.95 11.40
O01 WJE K . -9.67 26.12 10.64
O07 WJE K . -6.64 22.23 8.84
O07 WJE K . -7.02 22.30 9.12
O13 WJE K . -4.38 23.92 4.08
O13 WJE K . -4.04 22.34 4.47
BR11 WJE K . -3.21 21.16 4.77
BR11 WJE K . -3.64 19.62 5.85
BR15 WJE K . -6.37 25.91 5.26
BR15 WJE K . -5.59 24.94 4.96
S SO4 L . 0.91 9.05 -6.95
O1 SO4 L . -0.14 8.05 -6.75
O2 SO4 L . 2.04 8.75 -6.06
O3 SO4 L . 1.36 8.99 -8.35
O4 SO4 L . 0.39 10.37 -6.65
S SO4 M . 2.98 19.79 -9.01
O1 SO4 M . 3.45 18.41 -9.09
O2 SO4 M . 2.54 20.08 -7.64
O3 SO4 M . 4.05 20.71 -9.37
O4 SO4 M . 1.85 19.97 -9.93
S SO4 N . 11.70 33.95 0.88
O1 SO4 N . 12.68 33.33 0.00
O2 SO4 N . 11.45 33.08 2.02
O3 SO4 N . 12.18 35.24 1.34
O4 SO4 N . 10.45 34.15 0.14
S SO4 O . -26.69 -4.23 -14.07
O1 SO4 O . -28.15 -4.27 -14.04
O2 SO4 O . -26.16 -5.57 -14.26
O3 SO4 O . -26.20 -3.69 -12.81
O4 SO4 O . -26.26 -3.37 -15.17
#